data_4AWH
#
_entry.id   4AWH
#
_cell.length_a   54.940
_cell.length_b   120.110
_cell.length_c   128.050
_cell.angle_alpha   90.00
_cell.angle_beta   90.00
_cell.angle_gamma   90.00
#
_symmetry.space_group_name_H-M   'P 21 21 21'
#
loop_
_entity.id
_entity.type
_entity.pdbx_description
1 polymer 'POLYMERASE PA'
2 non-polymer 'MANGANESE (II) ION'
3 non-polymer "URIDINE-5'-MONOPHOSPHATE"
4 water water
#
_entity_poly.entity_id   1
_entity_poly.type   'polypeptide(L)'
_entity_poly.pdbx_seq_one_letter_code
;MGSGMAMEDFVRQCFNPMIVELAEKAMKEYGEDPKIETNKFAAICTHLEVCFMYSDFHFIDERGESIIVESGDPNALLKH
RFEIIEGRDRIMAWTVVNSICNTTGVEKPKFLPDLYDYKENRFIEIGVTRREVHIYYLEKANKIKSEKTHIHIFSFTGEE
MATKADYTLDEESRARIKTRLFTIRQEMASRSLWDSFRQSERGE
;
_entity_poly.pdbx_strand_id   A,B,C,D
#
loop_
_chem_comp.id
_chem_comp.type
_chem_comp.name
_chem_comp.formula
MN non-polymer 'MANGANESE (II) ION' 'Mn 2'
U5P non-polymer URIDINE-5'-MONOPHOSPHATE 'C9 H13 N2 O9 P'
#
# COMPACT_ATOMS: atom_id res chain seq x y z
N MET A 5 -11.41 15.02 28.64
CA MET A 5 -11.59 15.21 27.17
C MET A 5 -13.07 15.15 26.76
N ALA A 6 -13.55 16.23 26.14
CA ALA A 6 -14.89 16.27 25.59
C ALA A 6 -14.92 15.36 24.34
N MET A 7 -16.11 15.00 23.89
CA MET A 7 -16.21 14.17 22.70
C MET A 7 -15.66 14.96 21.51
N GLU A 8 -16.09 16.22 21.42
CA GLU A 8 -15.61 17.11 20.37
C GLU A 8 -14.07 17.16 20.25
N ASP A 9 -13.34 17.06 21.37
CA ASP A 9 -11.89 17.06 21.30
C ASP A 9 -11.38 15.68 20.85
N PHE A 10 -12.00 14.62 21.35
CA PHE A 10 -11.65 13.30 20.92
C PHE A 10 -11.77 13.12 19.40
N VAL A 11 -12.89 13.58 18.84
CA VAL A 11 -13.12 13.46 17.40
C VAL A 11 -11.94 14.04 16.61
N ARG A 12 -11.51 15.24 16.99
CA ARG A 12 -10.43 15.92 16.29
C ARG A 12 -9.06 15.25 16.46
N GLN A 13 -8.84 14.53 17.55
CA GLN A 13 -7.60 13.76 17.74
C GLN A 13 -7.67 12.37 17.12
N CYS A 14 -8.86 11.81 16.99
CA CYS A 14 -9.02 10.44 16.53
C CYS A 14 -9.10 10.32 15.00
N PHE A 15 -9.76 11.28 14.35
CA PHE A 15 -10.02 11.21 12.92
C PHE A 15 -9.13 12.17 12.13
N ASN A 16 -8.71 11.72 10.94
CA ASN A 16 -7.95 12.56 10.00
C ASN A 16 -8.68 13.90 9.77
N PRO A 17 -7.94 15.01 9.71
CA PRO A 17 -8.63 16.30 9.58
C PRO A 17 -9.45 16.49 8.28
N MET A 18 -9.19 15.70 7.26
CA MET A 18 -10.01 15.77 6.04
C MET A 18 -11.39 15.12 6.26
N ILE A 19 -11.40 14.01 6.97
CA ILE A 19 -12.62 13.39 7.38
C ILE A 19 -13.44 14.30 8.25
N VAL A 20 -12.79 14.93 9.24
CA VAL A 20 -13.48 15.87 10.10
C VAL A 20 -14.11 17.02 9.33
N GLU A 21 -13.40 17.56 8.34
CA GLU A 21 -13.97 18.64 7.52
C GLU A 21 -15.11 18.17 6.65
N LEU A 22 -14.98 17.00 6.02
CA LEU A 22 -16.10 16.49 5.20
C LEU A 22 -17.31 16.18 6.09
N ALA A 23 -17.04 15.64 7.28
CA ALA A 23 -18.12 15.36 8.23
C ALA A 23 -18.79 16.63 8.78
N GLU A 24 -17.98 17.65 9.07
CA GLU A 24 -18.55 18.93 9.47
C GLU A 24 -19.42 19.56 8.39
N LYS A 25 -18.97 19.54 7.15
CA LYS A 25 -19.76 20.15 6.09
C LYS A 25 -21.06 19.35 5.89
N ALA A 26 -21.01 18.03 6.02
CA ALA A 26 -22.24 17.21 5.90
C ALA A 26 -23.24 17.52 7.01
N MET A 27 -22.75 17.61 8.24
CA MET A 27 -23.61 17.98 9.37
C MET A 27 -24.28 19.30 9.19
N LYS A 28 -23.56 20.28 8.67
CA LYS A 28 -24.15 21.56 8.48
C LYS A 28 -25.20 21.47 7.38
N GLU A 29 -24.87 20.81 6.28
CA GLU A 29 -25.87 20.64 5.22
C GLU A 29 -27.07 19.88 5.80
N TYR A 30 -26.80 18.83 6.58
CA TYR A 30 -27.83 17.99 7.23
C TYR A 30 -28.60 18.78 8.30
N GLY A 31 -28.14 19.98 8.66
CA GLY A 31 -28.83 20.84 9.64
C GLY A 31 -28.46 20.72 11.13
N GLU A 32 -27.37 20.02 11.46
CA GLU A 32 -27.00 19.87 12.86
C GLU A 32 -25.70 20.59 13.20
N ASP A 33 -25.56 20.92 14.48
CA ASP A 33 -24.43 21.67 14.99
C ASP A 33 -23.39 20.70 15.61
N PRO A 34 -22.24 20.54 14.95
CA PRO A 34 -21.18 19.66 15.43
C PRO A 34 -20.70 19.98 16.85
N LYS A 35 -20.76 21.24 17.22
CA LYS A 35 -20.23 21.64 18.53
C LYS A 35 -21.25 21.39 19.62
N ILE A 36 -22.50 21.11 19.25
CA ILE A 36 -23.54 20.71 20.20
C ILE A 36 -23.83 19.21 20.16
N GLU A 37 -24.05 18.69 18.95
CA GLU A 37 -24.40 17.28 18.78
C GLU A 37 -23.13 16.49 18.57
N THR A 38 -22.37 16.38 19.64
CA THR A 38 -21.02 15.87 19.60
C THR A 38 -20.96 14.36 19.36
N ASN A 39 -21.96 13.62 19.85
CA ASN A 39 -21.99 12.18 19.61
C ASN A 39 -22.42 11.90 18.16
N LYS A 40 -23.36 12.68 17.65
CA LYS A 40 -23.69 12.58 16.24
C LYS A 40 -22.44 12.84 15.38
N PHE A 41 -21.67 13.87 15.74
CA PHE A 41 -20.47 14.25 15.00
C PHE A 41 -19.47 13.12 14.94
N ALA A 42 -19.20 12.48 16.07
CA ALA A 42 -18.37 11.29 16.11
C ALA A 42 -18.92 10.14 15.21
N ALA A 43 -20.22 9.96 15.26
CA ALA A 43 -20.87 8.90 14.49
C ALA A 43 -20.76 9.16 12.99
N ILE A 44 -20.96 10.42 12.58
CA ILE A 44 -20.86 10.81 11.16
C ILE A 44 -19.44 10.63 10.64
N CYS A 45 -18.44 11.08 11.44
CA CYS A 45 -17.04 10.85 11.13
C CYS A 45 -16.75 9.37 10.95
N THR A 46 -17.24 8.54 11.88
CA THR A 46 -17.00 7.12 11.84
C THR A 46 -17.61 6.47 10.57
N HIS A 47 -18.88 6.78 10.34
CA HIS A 47 -19.60 6.30 9.16
C HIS A 47 -18.94 6.69 7.87
N LEU A 48 -18.51 7.95 7.75
CA LEU A 48 -17.86 8.42 6.54
C LEU A 48 -16.55 7.68 6.34
N GLU A 49 -15.76 7.56 7.41
CA GLU A 49 -14.53 6.82 7.28
C GLU A 49 -14.75 5.39 6.86
N VAL A 50 -15.81 4.74 7.38
CA VAL A 50 -16.14 3.37 7.03
C VAL A 50 -16.50 3.32 5.55
N CYS A 51 -17.27 4.30 5.06
CA CYS A 51 -17.56 4.37 3.60
C CYS A 51 -16.29 4.47 2.76
N PHE A 52 -15.36 5.35 3.13
CA PHE A 52 -14.06 5.38 2.45
C PHE A 52 -13.30 4.08 2.52
N MET A 53 -13.26 3.44 3.68
CA MET A 53 -12.55 2.17 3.83
C MET A 53 -13.12 1.04 3.00
N TYR A 54 -14.43 1.01 2.87
CA TYR A 54 -15.11 -0.01 2.06
C TYR A 54 -14.62 0.03 0.64
N SER A 55 -14.44 1.24 0.12
CA SER A 55 -14.05 1.45 -1.24
C SER A 55 -12.55 1.29 -1.49
N ASP A 56 -11.71 1.66 -0.52
CA ASP A 56 -10.26 1.57 -0.67
C ASP A 56 -9.80 0.26 -1.29
N PHE A 57 -8.93 0.35 -2.28
CA PHE A 57 -8.19 -0.81 -2.79
C PHE A 57 -8.96 -1.72 -3.72
N HIS A 58 -10.21 -1.40 -4.01
CA HIS A 58 -11.02 -2.23 -4.91
C HIS A 58 -11.21 -1.57 -6.22
N PHE A 59 -10.86 -2.24 -7.31
CA PHE A 59 -10.92 -1.60 -8.62
C PHE A 59 -11.51 -2.52 -9.66
N ILE A 60 -11.90 -1.90 -10.78
CA ILE A 60 -12.34 -2.61 -11.97
C ILE A 60 -11.23 -2.44 -13.01
N ASP A 61 -10.67 -3.56 -13.47
CA ASP A 61 -9.59 -3.53 -14.47
C ASP A 61 -10.13 -3.21 -15.87
N GLU A 62 -9.23 -3.08 -16.85
CA GLU A 62 -9.63 -2.76 -18.23
C GLU A 62 -10.38 -3.92 -18.91
N ARG A 63 -10.26 -5.12 -18.34
CA ARG A 63 -11.01 -6.31 -18.76
C ARG A 63 -12.34 -6.48 -17.98
N GLY A 64 -12.75 -5.42 -17.27
CA GLY A 64 -14.04 -5.41 -16.57
C GLY A 64 -14.14 -6.22 -15.29
N GLU A 65 -13.03 -6.80 -14.84
CA GLU A 65 -13.01 -7.65 -13.65
C GLU A 65 -12.64 -6.91 -12.36
N SER A 66 -13.27 -7.32 -11.26
CA SER A 66 -13.02 -6.72 -9.96
C SER A 66 -11.76 -7.31 -9.35
N ILE A 67 -10.76 -6.47 -9.11
CA ILE A 67 -9.51 -6.92 -8.49
C ILE A 67 -9.11 -6.02 -7.31
N ILE A 68 -8.19 -6.51 -6.49
CA ILE A 68 -7.71 -5.78 -5.31
C ILE A 68 -6.27 -5.30 -5.52
N VAL A 69 -5.99 -4.06 -5.11
CA VAL A 69 -4.69 -3.44 -5.31
C VAL A 69 -4.40 -2.53 -4.13
N GLU A 70 -3.47 -2.93 -3.28
CA GLU A 70 -3.18 -2.19 -2.04
C GLU A 70 -2.01 -1.24 -2.19
N SER A 71 -1.04 -1.59 -3.02
CA SER A 71 0.01 -0.65 -3.38
C SER A 71 -0.67 0.60 -3.91
N GLY A 72 -0.40 1.74 -3.28
CA GLY A 72 -0.84 3.04 -3.82
C GLY A 72 0.08 3.42 -4.98
N ASP A 73 -0.11 2.74 -6.10
CA ASP A 73 0.78 2.87 -7.27
C ASP A 73 0.50 4.16 -8.03
N PRO A 74 1.54 4.99 -8.24
CA PRO A 74 1.42 6.19 -9.08
C PRO A 74 0.90 5.92 -10.50
N ASN A 75 1.14 4.72 -11.05
CA ASN A 75 0.55 4.39 -12.35
C ASN A 75 -0.82 3.66 -12.24
N ALA A 76 -1.16 3.17 -11.05
CA ALA A 76 -2.49 2.59 -10.82
C ALA A 76 -3.55 3.68 -10.96
N LEU A 77 -4.07 3.83 -12.18
CA LEU A 77 -5.06 4.84 -12.46
C LEU A 77 -6.28 4.16 -13.10
N LEU A 78 -6.85 3.24 -12.35
CA LEU A 78 -7.97 2.41 -12.77
C LEU A 78 -9.29 2.96 -12.23
N LYS A 79 -10.38 2.49 -12.82
CA LYS A 79 -11.71 2.83 -12.33
C LYS A 79 -11.96 2.09 -11.01
N HIS A 80 -12.42 2.85 -10.03
CA HIS A 80 -12.80 2.31 -8.73
C HIS A 80 -13.97 1.37 -8.83
N ARG A 81 -13.96 0.27 -8.08
CA ARG A 81 -15.11 -0.63 -8.00
C ARG A 81 -16.34 0.04 -7.32
N PHE A 82 -16.08 0.88 -6.34
CA PHE A 82 -17.17 1.55 -5.70
C PHE A 82 -17.15 3.03 -6.04
N GLU A 83 -18.29 3.65 -6.06
CA GLU A 83 -18.34 5.09 -6.09
C GLU A 83 -18.87 5.44 -4.72
N ILE A 84 -18.39 6.55 -4.16
CA ILE A 84 -18.84 6.96 -2.84
C ILE A 84 -19.84 8.08 -2.96
N ILE A 85 -20.99 7.91 -2.30
CA ILE A 85 -22.01 8.93 -2.35
C ILE A 85 -21.98 9.78 -1.07
N GLU A 86 -21.79 9.10 0.07
CA GLU A 86 -21.74 9.76 1.36
C GLU A 86 -20.59 10.75 1.39
N GLY A 87 -20.79 11.86 2.08
CA GLY A 87 -19.79 12.94 2.17
C GLY A 87 -19.98 14.02 1.11
N ARG A 88 -20.65 13.68 0.01
CA ARG A 88 -21.01 14.69 -0.97
C ARG A 88 -22.23 15.46 -0.55
N ASP A 89 -22.33 16.70 -0.97
CA ASP A 89 -23.50 17.47 -0.67
C ASP A 89 -24.61 16.99 -1.57
N ARG A 90 -25.83 17.36 -1.27
CA ARG A 90 -26.96 16.79 -1.98
C ARG A 90 -26.91 16.99 -3.48
N ILE A 91 -26.50 18.17 -3.92
CA ILE A 91 -26.44 18.50 -5.34
C ILE A 91 -25.48 17.52 -6.02
N MET A 92 -24.31 17.32 -5.42
CA MET A 92 -23.30 16.49 -6.03
C MET A 92 -23.58 15.01 -5.86
N ALA A 93 -24.22 14.65 -4.74
CA ALA A 93 -24.65 13.26 -4.51
C ALA A 93 -25.67 12.81 -5.61
N TRP A 94 -26.66 13.63 -5.90
CA TRP A 94 -27.63 13.35 -6.99
C TRP A 94 -27.06 13.36 -8.35
N THR A 95 -26.14 14.28 -8.61
CA THR A 95 -25.32 14.26 -9.83
C THR A 95 -24.63 12.92 -10.06
N VAL A 96 -24.01 12.39 -9.03
CA VAL A 96 -23.34 11.11 -9.15
C VAL A 96 -24.35 9.95 -9.27
N VAL A 97 -25.43 9.97 -8.50
CA VAL A 97 -26.41 8.90 -8.59
C VAL A 97 -27.03 8.92 -10.00
N ASN A 98 -27.32 10.10 -10.53
CA ASN A 98 -27.84 10.21 -11.90
C ASN A 98 -26.89 9.65 -12.96
N SER A 99 -25.59 9.94 -12.82
CA SER A 99 -24.56 9.46 -13.74
C SER A 99 -24.50 7.96 -13.68
N ILE A 100 -24.49 7.44 -12.46
CA ILE A 100 -24.42 6.02 -12.28
C ILE A 100 -25.60 5.32 -12.99
N CYS A 101 -26.81 5.84 -12.76
CA CYS A 101 -28.00 5.24 -13.32
C CYS A 101 -28.01 5.27 -14.86
N ASN A 102 -27.50 6.35 -15.44
CA ASN A 102 -27.27 6.49 -16.87
C ASN A 102 -26.27 5.49 -17.44
N THR A 103 -25.10 5.42 -16.81
CA THR A 103 -23.98 4.61 -17.23
C THR A 103 -24.19 3.10 -17.06
N THR A 104 -25.10 2.72 -16.17
CA THR A 104 -25.24 1.30 -15.84
C THR A 104 -26.64 0.74 -16.07
N GLY A 105 -27.62 1.61 -16.17
CA GLY A 105 -29.00 1.16 -16.29
C GLY A 105 -29.67 0.68 -15.03
N VAL A 106 -29.03 0.76 -13.87
CA VAL A 106 -29.69 0.33 -12.63
C VAL A 106 -30.77 1.31 -12.20
N GLU A 107 -31.72 0.79 -11.45
CA GLU A 107 -32.84 1.55 -10.93
C GLU A 107 -32.35 2.68 -10.01
N LYS A 108 -32.96 3.85 -10.16
CA LYS A 108 -32.56 4.98 -9.38
C LYS A 108 -33.22 4.91 -8.01
N PRO A 109 -32.43 4.95 -6.93
CA PRO A 109 -33.04 4.99 -5.61
C PRO A 109 -33.82 6.30 -5.31
N LYS A 110 -34.79 6.22 -4.41
CA LYS A 110 -35.50 7.42 -4.01
C LYS A 110 -34.78 8.13 -2.87
N PHE A 111 -33.87 7.44 -2.22
CA PHE A 111 -33.05 7.99 -1.13
C PHE A 111 -31.60 7.95 -1.60
N LEU A 112 -30.79 8.87 -1.14
CA LEU A 112 -29.36 8.74 -1.39
C LEU A 112 -28.77 7.58 -0.58
N PRO A 113 -28.20 6.59 -1.27
CA PRO A 113 -27.44 5.56 -0.60
C PRO A 113 -26.03 6.07 -0.27
N ASP A 114 -25.14 5.18 0.16
CA ASP A 114 -23.77 5.58 0.54
C ASP A 114 -22.73 5.27 -0.51
N LEU A 115 -22.93 4.17 -1.24
CA LEU A 115 -21.99 3.63 -2.20
C LEU A 115 -22.74 3.04 -3.41
N TYR A 116 -22.05 2.92 -4.52
CA TYR A 116 -22.49 2.10 -5.65
C TYR A 116 -21.39 1.08 -5.95
N ASP A 117 -21.79 -0.18 -6.12
CA ASP A 117 -20.88 -1.26 -6.42
C ASP A 117 -20.95 -1.57 -7.93
N TYR A 118 -19.90 -1.21 -8.66
CA TYR A 118 -19.85 -1.44 -10.11
C TYR A 118 -19.76 -2.90 -10.52
N LYS A 119 -19.32 -3.79 -9.63
CA LYS A 119 -19.27 -5.23 -9.96
C LYS A 119 -20.62 -5.89 -9.77
N GLU A 120 -21.24 -5.60 -8.65
CA GLU A 120 -22.52 -6.20 -8.31
C GLU A 120 -23.65 -5.40 -8.92
N ASN A 121 -23.35 -4.20 -9.39
CA ASN A 121 -24.36 -3.30 -9.95
C ASN A 121 -25.53 -3.03 -9.01
N ARG A 122 -25.21 -2.42 -7.90
CA ARG A 122 -26.22 -2.15 -6.89
C ARG A 122 -25.69 -1.08 -5.93
N PHE A 123 -26.62 -0.29 -5.40
CA PHE A 123 -26.28 0.70 -4.37
C PHE A 123 -26.17 -0.03 -3.06
N ILE A 124 -25.36 0.55 -2.18
CA ILE A 124 -25.17 0.07 -0.86
C ILE A 124 -25.47 1.18 0.14
N GLU A 125 -26.23 0.81 1.16
CA GLU A 125 -26.45 1.62 2.32
C GLU A 125 -25.64 1.01 3.47
N ILE A 126 -24.74 1.82 4.01
CA ILE A 126 -23.91 1.43 5.13
C ILE A 126 -24.52 1.90 6.42
N GLY A 127 -24.49 1.01 7.40
CA GLY A 127 -24.87 1.35 8.74
C GLY A 127 -23.74 1.05 9.69
N VAL A 128 -23.48 1.97 10.60
CA VAL A 128 -22.55 1.71 11.72
C VAL A 128 -23.31 2.00 13.01
N THR A 129 -23.45 1.00 13.86
CA THR A 129 -24.26 1.10 15.05
C THR A 129 -23.49 0.70 16.32
N ARG A 130 -23.85 1.37 17.40
CA ARG A 130 -23.44 1.00 18.76
C ARG A 130 -24.53 0.17 19.45
N ARG A 131 -25.68 0.00 18.79
CA ARG A 131 -26.79 -0.82 19.29
C ARG A 131 -26.65 -2.23 18.71
N GLU A 132 -27.75 -2.95 18.56
CA GLU A 132 -27.67 -4.31 18.04
C GLU A 132 -27.86 -4.28 16.52
N VAL A 133 -27.08 -5.09 15.83
CA VAL A 133 -26.97 -5.03 14.38
C VAL A 133 -28.29 -5.36 13.65
N HIS A 134 -29.00 -6.36 14.17
CA HIS A 134 -30.25 -6.85 13.57
C HIS A 134 -31.31 -5.80 13.60
N ILE A 135 -31.47 -5.13 14.74
CA ILE A 135 -32.45 -4.04 14.87
C ILE A 135 -32.08 -2.83 14.01
N TYR A 136 -30.79 -2.54 13.90
CA TYR A 136 -30.38 -1.44 13.02
C TYR A 136 -30.61 -1.82 11.56
N TYR A 137 -30.32 -3.05 11.19
CA TYR A 137 -30.61 -3.55 9.86
C TYR A 137 -32.07 -3.34 9.49
N LEU A 138 -32.97 -3.78 10.38
CA LEU A 138 -34.42 -3.66 10.14
C LEU A 138 -34.85 -2.21 10.04
N GLU A 139 -34.31 -1.37 10.90
CA GLU A 139 -34.57 0.06 10.82
C GLU A 139 -34.23 0.63 9.47
N LYS A 140 -33.06 0.29 8.95
CA LYS A 140 -32.66 0.72 7.62
C LYS A 140 -33.56 0.18 6.54
N ALA A 141 -33.81 -1.12 6.58
CA ALA A 141 -34.63 -1.75 5.58
C ALA A 141 -36.02 -1.14 5.57
N ASN A 142 -36.52 -0.82 6.75
CA ASN A 142 -37.85 -0.23 6.88
C ASN A 142 -37.87 1.15 6.25
N LYS A 143 -36.83 1.93 6.57
CA LYS A 143 -36.69 3.31 6.14
C LYS A 143 -36.50 3.47 4.63
N ILE A 144 -36.07 2.40 3.95
CA ILE A 144 -35.82 2.43 2.50
C ILE A 144 -36.55 1.29 1.80
N LYS A 145 -37.88 1.32 1.82
CA LYS A 145 -38.71 0.31 1.12
C LYS A 145 -38.20 -0.02 -0.30
N SER A 146 -37.10 0.61 -0.70
CA SER A 146 -36.38 0.36 -1.95
C SER A 146 -36.33 -1.11 -2.40
N GLU A 147 -35.76 -1.96 -1.55
CA GLU A 147 -35.52 -3.39 -1.82
C GLU A 147 -34.40 -3.69 -2.83
N LYS A 148 -34.00 -2.72 -3.64
CA LYS A 148 -32.85 -2.92 -4.53
C LYS A 148 -31.55 -2.39 -3.91
N THR A 149 -31.63 -1.55 -2.89
CA THR A 149 -30.40 -1.10 -2.22
C THR A 149 -29.93 -2.21 -1.25
N HIS A 150 -28.70 -2.64 -1.43
CA HIS A 150 -28.07 -3.57 -0.50
C HIS A 150 -27.73 -2.86 0.77
N ILE A 151 -28.02 -3.53 1.87
CA ILE A 151 -27.75 -3.04 3.21
C ILE A 151 -26.56 -3.81 3.79
N HIS A 152 -25.59 -3.08 4.35
CA HIS A 152 -24.50 -3.72 5.11
C HIS A 152 -24.31 -2.95 6.40
N ILE A 153 -24.54 -3.62 7.53
CA ILE A 153 -24.40 -3.03 8.88
C ILE A 153 -23.17 -3.54 9.62
N PHE A 154 -22.43 -2.61 10.25
CA PHE A 154 -21.31 -2.92 11.13
C PHE A 154 -21.63 -2.41 12.50
N SER A 155 -21.15 -3.12 13.52
CA SER A 155 -21.20 -2.64 14.89
C SER A 155 -19.79 -2.46 15.36
N PHE A 156 -19.63 -1.72 16.43
CA PHE A 156 -18.33 -1.50 17.02
C PHE A 156 -17.78 -2.75 17.70
N THR A 157 -18.65 -3.71 18.00
CA THR A 157 -18.28 -4.98 18.66
C THR A 157 -17.91 -6.05 17.65
N GLY A 158 -17.91 -5.69 16.37
CA GLY A 158 -17.43 -6.58 15.33
C GLY A 158 -18.48 -7.42 14.64
N GLU A 159 -19.74 -7.33 15.09
CA GLU A 159 -20.85 -7.99 14.41
C GLU A 159 -21.12 -7.30 13.06
N GLU A 160 -21.63 -8.07 12.11
CA GLU A 160 -22.15 -7.49 10.89
C GLU A 160 -23.34 -8.25 10.36
N MET A 161 -24.18 -7.53 9.64
CA MET A 161 -25.31 -8.14 8.97
C MET A 161 -25.52 -7.40 7.66
N ALA A 162 -25.76 -8.17 6.61
CA ALA A 162 -25.94 -7.61 5.28
C ALA A 162 -27.07 -8.34 4.59
N THR A 163 -27.66 -7.69 3.58
CA THR A 163 -28.77 -8.25 2.83
C THR A 163 -28.39 -9.62 2.27
N LYS A 164 -29.27 -10.60 2.50
CA LYS A 164 -29.06 -11.99 2.08
C LYS A 164 -27.75 -12.61 2.54
N ALA A 165 -27.21 -12.15 3.68
CA ALA A 165 -25.92 -12.61 4.18
C ALA A 165 -24.80 -12.51 3.13
N ASP A 166 -24.94 -11.53 2.23
CA ASP A 166 -23.94 -11.23 1.23
C ASP A 166 -23.17 -9.99 1.69
N TYR A 167 -21.94 -10.21 2.12
CA TYR A 167 -21.12 -9.17 2.72
C TYR A 167 -20.30 -8.38 1.71
N THR A 168 -20.49 -8.69 0.42
CA THR A 168 -19.91 -7.97 -0.72
C THR A 168 -18.39 -8.11 -0.81
N LEU A 169 -17.69 -7.65 0.23
CA LEU A 169 -16.25 -7.64 0.28
C LEU A 169 -15.67 -8.95 0.81
N ASP A 170 -14.41 -9.20 0.50
CA ASP A 170 -13.64 -10.31 1.07
C ASP A 170 -13.49 -10.10 2.58
N GLU A 171 -13.14 -11.17 3.28
CA GLU A 171 -13.08 -11.14 4.73
C GLU A 171 -12.04 -10.15 5.23
N GLU A 172 -10.92 -10.03 4.51
CA GLU A 172 -9.85 -9.17 4.97
C GLU A 172 -10.23 -7.69 4.95
N SER A 173 -10.97 -7.26 3.93
CA SER A 173 -11.44 -5.86 3.83
C SER A 173 -12.39 -5.50 4.95
N ARG A 174 -13.30 -6.40 5.24
CA ARG A 174 -14.21 -6.25 6.36
C ARG A 174 -13.48 -6.21 7.70
N ALA A 175 -12.45 -7.04 7.84
CA ALA A 175 -11.70 -7.06 9.09
C ALA A 175 -10.94 -5.73 9.27
N ARG A 176 -10.43 -5.18 8.18
CA ARG A 176 -9.84 -3.85 8.20
C ARG A 176 -10.80 -2.78 8.79
N ILE A 177 -12.04 -2.78 8.32
CA ILE A 177 -13.08 -1.90 8.84
C ILE A 177 -13.38 -2.21 10.32
N LYS A 178 -13.53 -3.48 10.63
CA LYS A 178 -13.81 -3.90 12.00
C LYS A 178 -12.67 -3.55 12.95
N THR A 179 -11.44 -3.57 12.47
CA THR A 179 -10.30 -3.16 13.28
C THR A 179 -10.32 -1.69 13.59
N ARG A 180 -10.68 -0.87 12.60
CA ARG A 180 -10.77 0.55 12.86
C ARG A 180 -11.88 0.85 13.89
N LEU A 181 -13.01 0.14 13.81
CA LEU A 181 -14.13 0.34 14.73
C LEU A 181 -13.78 -0.17 16.15
N PHE A 182 -13.08 -1.32 16.23
CA PHE A 182 -12.48 -1.80 17.49
C PHE A 182 -11.60 -0.70 18.13
N THR A 183 -10.72 -0.10 17.35
CA THR A 183 -9.85 0.96 17.83
C THR A 183 -10.61 2.18 18.38
N ILE A 184 -11.60 2.65 17.63
CA ILE A 184 -12.39 3.81 18.01
C ILE A 184 -13.09 3.56 19.36
N ARG A 185 -13.76 2.40 19.46
CA ARG A 185 -14.37 1.99 20.71
C ARG A 185 -13.31 1.94 21.83
N GLN A 186 -12.19 1.28 21.57
CA GLN A 186 -11.16 1.15 22.61
C GLN A 186 -10.68 2.52 23.09
N GLU A 187 -10.39 3.42 22.16
CA GLU A 187 -9.89 4.77 22.52
C GLU A 187 -10.93 5.61 23.25
N MET A 188 -12.19 5.51 22.84
CA MET A 188 -13.28 6.19 23.54
C MET A 188 -13.37 5.70 25.00
N ALA A 189 -13.28 4.38 25.19
CA ALA A 189 -13.35 3.79 26.53
C ALA A 189 -12.29 4.39 27.45
N SER A 190 -11.05 4.46 26.95
CA SER A 190 -9.91 5.04 27.66
C SER A 190 -10.10 6.47 28.12
N ARG A 191 -10.92 7.24 27.42
CA ARG A 191 -11.17 8.60 27.79
C ARG A 191 -12.54 8.70 28.39
N SER A 192 -13.15 7.56 28.67
CA SER A 192 -14.43 7.49 29.35
C SER A 192 -15.53 8.16 28.53
N LEU A 193 -15.49 7.98 27.21
CA LEU A 193 -16.50 8.60 26.32
C LEU A 193 -17.42 7.58 25.72
N TRP A 194 -17.04 6.32 25.81
CA TRP A 194 -17.79 5.25 25.20
C TRP A 194 -19.20 5.10 25.72
N ASP A 195 -19.36 5.17 27.05
CA ASP A 195 -20.70 4.93 27.64
C ASP A 195 -21.69 5.95 27.12
N SER A 196 -21.32 7.22 27.22
CA SER A 196 -22.07 8.33 26.65
C SER A 196 -22.38 8.14 25.13
N PHE A 197 -21.35 7.83 24.35
CA PHE A 197 -21.47 7.61 22.90
C PHE A 197 -22.50 6.53 22.61
N ARG A 198 -22.33 5.38 23.26
CA ARG A 198 -23.19 4.23 23.06
C ARG A 198 -24.67 4.47 23.43
N GLN A 199 -24.93 5.12 24.58
CA GLN A 199 -26.32 5.39 24.99
C GLN A 199 -26.97 6.48 24.15
N SER A 200 -26.14 7.32 23.54
CA SER A 200 -26.64 8.45 22.76
C SER A 200 -27.32 8.07 21.44
N GLU A 201 -26.95 6.93 20.85
CA GLU A 201 -27.54 6.53 19.59
C GLU A 201 -29.05 6.41 19.72
N ARG A 202 -29.78 6.86 18.70
CA ARG A 202 -31.23 6.74 18.65
C ARG A 202 -31.70 6.28 17.28
N GLY A 203 -32.97 5.90 17.17
CA GLY A 203 -33.53 5.41 15.92
C GLY A 203 -34.17 6.51 15.10
N MET B 5 -17.61 9.49 -20.31
CA MET B 5 -16.50 9.93 -21.22
C MET B 5 -16.06 11.40 -21.03
N ALA B 6 -16.80 12.17 -20.23
CA ALA B 6 -16.46 13.57 -20.06
C ALA B 6 -15.33 13.66 -19.00
N MET B 7 -14.79 14.85 -18.87
CA MET B 7 -13.67 15.05 -17.97
C MET B 7 -14.10 14.71 -16.54
N GLU B 8 -15.33 15.10 -16.19
CA GLU B 8 -15.87 14.85 -14.86
C GLU B 8 -15.99 13.36 -14.53
N ASP B 9 -16.33 12.55 -15.52
CA ASP B 9 -16.46 11.12 -15.27
C ASP B 9 -15.08 10.55 -15.04
N PHE B 10 -14.13 10.93 -15.88
CA PHE B 10 -12.74 10.53 -15.70
C PHE B 10 -12.17 10.89 -14.31
N VAL B 11 -12.34 12.14 -13.90
CA VAL B 11 -11.90 12.57 -12.55
C VAL B 11 -12.48 11.64 -11.52
N ARG B 12 -13.81 11.47 -11.54
CA ARG B 12 -14.52 10.68 -10.53
C ARG B 12 -14.17 9.20 -10.51
N GLN B 13 -13.94 8.63 -11.68
CA GLN B 13 -13.69 7.19 -11.77
C GLN B 13 -12.33 6.84 -11.21
N CYS B 14 -11.36 7.70 -11.52
CA CYS B 14 -9.95 7.39 -11.41
C CYS B 14 -9.19 8.05 -10.25
N PHE B 15 -9.57 9.24 -9.82
CA PHE B 15 -8.93 9.79 -8.62
C PHE B 15 -9.52 9.12 -7.39
N ASN B 16 -8.72 8.99 -6.34
CA ASN B 16 -9.19 8.49 -5.06
C ASN B 16 -10.43 9.29 -4.60
N PRO B 17 -11.45 8.59 -4.11
CA PRO B 17 -12.68 9.31 -3.83
C PRO B 17 -12.52 10.37 -2.72
N MET B 18 -11.61 10.19 -1.75
CA MET B 18 -11.45 11.26 -0.76
C MET B 18 -10.92 12.52 -1.43
N ILE B 19 -10.00 12.35 -2.38
CA ILE B 19 -9.45 13.47 -3.11
C ILE B 19 -10.53 14.22 -3.90
N VAL B 20 -11.37 13.48 -4.63
CA VAL B 20 -12.46 14.10 -5.38
C VAL B 20 -13.46 14.86 -4.48
N GLU B 21 -13.81 14.33 -3.32
CA GLU B 21 -14.71 15.02 -2.36
C GLU B 21 -14.10 16.30 -1.79
N LEU B 22 -12.78 16.28 -1.59
CA LEU B 22 -12.02 17.46 -1.09
C LEU B 22 -11.89 18.51 -2.17
N ALA B 23 -11.79 18.07 -3.41
CA ALA B 23 -11.81 18.98 -4.57
C ALA B 23 -13.15 19.67 -4.73
N GLU B 24 -14.22 18.89 -4.60
CA GLU B 24 -15.57 19.42 -4.64
C GLU B 24 -15.79 20.39 -3.49
N LYS B 25 -15.35 20.03 -2.30
CA LYS B 25 -15.40 20.92 -1.12
C LYS B 25 -14.70 22.24 -1.38
N ALA B 26 -13.46 22.19 -1.89
CA ALA B 26 -12.70 23.40 -2.20
C ALA B 26 -13.38 24.29 -3.29
N MET B 27 -13.87 23.65 -4.36
CA MET B 27 -14.58 24.38 -5.42
C MET B 27 -15.87 25.02 -4.90
N LYS B 28 -16.62 24.30 -4.09
CA LYS B 28 -17.75 24.91 -3.41
C LYS B 28 -17.33 26.07 -2.45
N GLU B 29 -16.21 25.97 -1.78
CA GLU B 29 -15.79 27.09 -0.91
C GLU B 29 -15.48 28.33 -1.78
N TYR B 30 -14.88 28.09 -2.94
CA TYR B 30 -14.57 29.15 -3.88
C TYR B 30 -15.76 29.65 -4.69
N GLY B 31 -16.90 28.96 -4.64
CA GLY B 31 -18.03 29.29 -5.50
C GLY B 31 -17.85 28.92 -6.96
N GLU B 32 -17.01 27.92 -7.25
CA GLU B 32 -16.83 27.38 -8.61
C GLU B 32 -17.52 26.01 -8.69
N ASP B 33 -18.11 25.68 -9.83
CA ASP B 33 -18.93 24.45 -10.00
C ASP B 33 -18.13 23.31 -10.68
N PRO B 34 -17.93 22.16 -9.98
CA PRO B 34 -17.21 21.04 -10.56
C PRO B 34 -17.88 20.51 -11.83
N LYS B 35 -19.18 20.72 -11.97
CA LYS B 35 -19.93 20.28 -13.13
C LYS B 35 -19.64 21.15 -14.37
N ILE B 36 -19.30 22.42 -14.14
CA ILE B 36 -18.98 23.36 -15.23
C ILE B 36 -17.48 23.42 -15.49
N GLU B 37 -16.71 23.78 -14.45
CA GLU B 37 -15.28 23.98 -14.62
C GLU B 37 -14.55 22.66 -14.42
N THR B 38 -14.70 21.80 -15.42
CA THR B 38 -14.36 20.40 -15.30
C THR B 38 -12.88 20.17 -15.42
N ASN B 39 -12.23 21.01 -16.22
CA ASN B 39 -10.76 20.97 -16.30
C ASN B 39 -10.09 21.45 -15.00
N LYS B 40 -10.59 22.53 -14.41
CA LYS B 40 -10.10 23.06 -13.11
C LYS B 40 -10.28 21.97 -12.03
N PHE B 41 -11.45 21.35 -12.04
CA PHE B 41 -11.77 20.20 -11.22
C PHE B 41 -10.69 19.15 -11.28
N ALA B 42 -10.33 18.70 -12.48
CA ALA B 42 -9.20 17.80 -12.67
C ALA B 42 -7.89 18.35 -12.11
N ALA B 43 -7.64 19.63 -12.33
CA ALA B 43 -6.35 20.21 -11.91
C ALA B 43 -6.31 20.31 -10.38
N ILE B 44 -7.44 20.63 -9.77
CA ILE B 44 -7.52 20.67 -8.30
C ILE B 44 -7.28 19.32 -7.73
N CYS B 45 -7.90 18.28 -8.33
CA CYS B 45 -7.67 16.92 -7.84
C CYS B 45 -6.20 16.55 -7.96
N THR B 46 -5.60 16.85 -9.11
CA THR B 46 -4.23 16.52 -9.39
C THR B 46 -3.26 17.20 -8.42
N HIS B 47 -3.47 18.50 -8.20
CA HIS B 47 -2.65 19.30 -7.30
C HIS B 47 -2.80 18.76 -5.91
N LEU B 48 -4.03 18.44 -5.49
CA LEU B 48 -4.23 17.88 -4.14
C LEU B 48 -3.52 16.55 -4.03
N GLU B 49 -3.66 15.71 -5.04
CA GLU B 49 -2.95 14.47 -5.02
C GLU B 49 -1.44 14.68 -4.97
N VAL B 50 -0.88 15.67 -5.68
CA VAL B 50 0.58 15.90 -5.58
C VAL B 50 1.00 16.38 -4.16
N CYS B 51 0.20 17.27 -3.56
CA CYS B 51 0.49 17.72 -2.18
C CYS B 51 0.54 16.54 -1.20
N PHE B 52 -0.45 15.66 -1.30
CA PHE B 52 -0.46 14.44 -0.50
C PHE B 52 0.75 13.52 -0.77
N MET B 53 1.12 13.30 -2.03
CA MET B 53 2.31 12.46 -2.35
C MET B 53 3.59 13.14 -1.88
N TYR B 54 3.63 14.45 -1.99
CA TYR B 54 4.80 15.19 -1.55
C TYR B 54 5.05 14.96 -0.06
N SER B 55 3.98 14.91 0.72
CA SER B 55 4.10 14.69 2.16
C SER B 55 4.28 13.23 2.57
N ASP B 56 3.61 12.32 1.87
CA ASP B 56 3.59 10.89 2.26
C ASP B 56 4.97 10.29 2.46
N PHE B 57 5.06 9.44 3.49
CA PHE B 57 6.26 8.68 3.80
C PHE B 57 7.44 9.51 4.34
N HIS B 58 7.29 10.82 4.52
CA HIS B 58 8.40 11.63 5.03
C HIS B 58 8.22 12.02 6.46
N PHE B 59 9.22 11.66 7.27
CA PHE B 59 9.13 11.77 8.71
C PHE B 59 10.41 12.33 9.27
N ILE B 60 10.37 12.81 10.52
CA ILE B 60 11.56 13.37 11.17
C ILE B 60 11.74 12.70 12.54
N ASP B 61 12.94 12.17 12.77
CA ASP B 61 13.20 11.32 13.96
C ASP B 61 13.16 12.06 15.31
N GLU B 65 15.84 13.19 9.64
CA GLU B 65 14.72 12.85 8.76
C GLU B 65 14.81 11.41 8.26
N SER B 66 13.67 10.87 7.82
CA SER B 66 13.59 9.46 7.43
C SER B 66 12.35 9.16 6.58
N ILE B 67 12.43 8.06 5.82
CA ILE B 67 11.44 7.67 4.83
C ILE B 67 10.85 6.27 5.11
N ILE B 68 9.53 6.16 5.19
CA ILE B 68 8.82 4.87 5.37
C ILE B 68 8.18 4.41 4.06
N LYS B 79 6.40 11.36 13.75
CA LYS B 79 6.34 12.80 13.48
C LYS B 79 6.45 13.11 11.98
N HIS B 80 5.38 13.70 11.42
CA HIS B 80 5.36 14.07 10.00
C HIS B 80 6.36 15.15 9.71
N ARG B 81 7.14 14.99 8.64
CA ARG B 81 8.03 16.06 8.19
C ARG B 81 7.25 17.29 7.67
N PHE B 82 6.09 17.05 7.09
CA PHE B 82 5.34 18.08 6.43
C PHE B 82 3.97 18.24 7.04
N GLU B 83 3.57 19.48 7.29
CA GLU B 83 2.19 19.77 7.61
C GLU B 83 1.42 20.00 6.30
N ILE B 84 0.25 19.39 6.12
CA ILE B 84 -0.53 19.61 4.90
C ILE B 84 -1.50 20.77 5.11
N ILE B 85 -1.33 21.84 4.35
CA ILE B 85 -2.22 23.01 4.41
C ILE B 85 -3.31 22.95 3.34
N GLU B 86 -2.92 22.58 2.13
CA GLU B 86 -3.87 22.39 1.00
C GLU B 86 -4.85 21.28 1.36
N GLY B 87 -6.09 21.40 0.91
CA GLY B 87 -7.17 20.48 1.26
C GLY B 87 -8.03 20.95 2.43
N ARG B 88 -7.45 21.81 3.26
CA ARG B 88 -8.19 22.41 4.38
C ARG B 88 -8.99 23.58 3.86
N ASP B 89 -10.15 23.87 4.45
CA ASP B 89 -10.77 25.16 4.17
C ASP B 89 -9.91 26.32 4.70
N ARG B 90 -10.27 27.55 4.35
CA ARG B 90 -9.39 28.66 4.59
C ARG B 90 -9.22 28.88 6.08
N ILE B 91 -10.31 28.68 6.82
CA ILE B 91 -10.31 28.93 8.24
C ILE B 91 -9.38 27.98 8.96
N MET B 92 -9.51 26.68 8.70
CA MET B 92 -8.58 25.69 9.26
C MET B 92 -7.14 25.87 8.74
N ALA B 93 -6.99 26.17 7.46
CA ALA B 93 -5.67 26.44 6.89
C ALA B 93 -4.95 27.61 7.63
N TRP B 94 -5.64 28.72 7.84
CA TRP B 94 -5.01 29.86 8.56
C TRP B 94 -4.77 29.52 10.00
N THR B 95 -5.64 28.72 10.58
CA THR B 95 -5.43 28.24 11.93
C THR B 95 -4.11 27.53 12.01
N VAL B 96 -3.86 26.64 11.04
CA VAL B 96 -2.67 25.84 11.04
C VAL B 96 -1.45 26.71 10.76
N VAL B 97 -1.55 27.60 9.77
CA VAL B 97 -0.46 28.48 9.40
C VAL B 97 -0.10 29.40 10.60
N ASN B 98 -1.11 29.94 11.25
CA ASN B 98 -0.89 30.81 12.40
C ASN B 98 -0.15 30.12 13.51
N SER B 99 -0.60 28.92 13.83
CA SER B 99 -0.01 28.12 14.90
C SER B 99 1.48 27.80 14.62
N ILE B 100 1.76 27.42 13.39
CA ILE B 100 3.11 27.15 12.96
C ILE B 100 4.01 28.40 13.07
N CYS B 101 3.54 29.53 12.54
CA CYS B 101 4.31 30.77 12.59
C CYS B 101 4.61 31.18 14.04
N ASN B 102 3.60 31.08 14.90
CA ASN B 102 3.72 31.46 16.30
C ASN B 102 4.75 30.59 17.01
N THR B 103 4.69 29.32 16.69
CA THR B 103 5.46 28.26 17.31
C THR B 103 6.90 28.10 16.79
N THR B 104 7.18 28.47 15.55
CA THR B 104 8.49 28.27 14.93
C THR B 104 9.25 29.55 14.66
N GLY B 105 8.54 30.67 14.61
CA GLY B 105 9.15 31.94 14.29
C GLY B 105 9.24 32.23 12.80
N VAL B 106 8.84 31.29 11.94
CA VAL B 106 8.84 31.59 10.49
C VAL B 106 7.91 32.72 10.17
N GLU B 107 8.35 33.53 9.21
CA GLU B 107 7.59 34.63 8.63
C GLU B 107 6.20 34.16 8.18
N LYS B 108 5.18 34.96 8.45
CA LYS B 108 3.84 34.58 8.10
C LYS B 108 3.55 34.89 6.64
N PRO B 109 3.17 33.87 5.86
CA PRO B 109 2.88 34.16 4.44
C PRO B 109 1.68 35.10 4.30
N LYS B 110 1.63 35.82 3.18
CA LYS B 110 0.47 36.66 2.85
C LYS B 110 -0.63 35.85 2.15
N PHE B 111 -0.27 34.70 1.57
CA PHE B 111 -1.24 33.80 1.00
C PHE B 111 -0.99 32.38 1.53
N LEU B 112 -2.06 31.61 1.59
CA LEU B 112 -1.99 30.26 2.06
C LEU B 112 -1.08 29.44 1.16
N PRO B 113 -0.06 28.79 1.74
CA PRO B 113 0.74 27.87 0.98
C PRO B 113 0.12 26.51 1.03
N ASP B 114 0.82 25.54 0.47
CA ASP B 114 0.34 24.18 0.44
C ASP B 114 0.84 23.23 1.51
N LEU B 115 2.12 23.40 1.90
CA LEU B 115 2.78 22.57 2.87
C LEU B 115 3.66 23.44 3.79
N TYR B 116 4.00 22.88 4.94
CA TYR B 116 5.10 23.38 5.78
C TYR B 116 6.07 22.24 6.09
N ASP B 117 7.34 22.53 5.90
CA ASP B 117 8.42 21.58 6.00
C ASP B 117 9.09 21.85 7.36
N TYR B 118 8.84 20.99 8.33
CA TYR B 118 9.41 21.17 9.67
C TYR B 118 10.91 20.90 9.67
N LYS B 119 11.44 20.18 8.67
CA LYS B 119 12.88 19.95 8.60
C LYS B 119 13.58 21.21 8.14
N GLU B 120 13.08 21.81 7.07
CA GLU B 120 13.72 23.00 6.52
C GLU B 120 13.20 24.26 7.18
N ASN B 121 12.11 24.12 7.92
CA ASN B 121 11.40 25.26 8.52
C ASN B 121 11.03 26.32 7.51
N ARG B 122 10.20 25.89 6.55
CA ARG B 122 9.71 26.80 5.54
C ARG B 122 8.41 26.28 4.92
N PHE B 123 7.60 27.22 4.49
CA PHE B 123 6.39 26.87 3.77
C PHE B 123 6.74 26.54 2.33
N ILE B 124 5.87 25.77 1.69
CA ILE B 124 6.07 25.38 0.29
C ILE B 124 4.78 25.62 -0.44
N GLU B 125 4.94 26.22 -1.62
CA GLU B 125 3.90 26.38 -2.59
C GLU B 125 4.19 25.39 -3.70
N ILE B 126 3.25 24.48 -3.92
CA ILE B 126 3.38 23.46 -4.93
C ILE B 126 2.64 23.94 -6.14
N GLY B 127 3.26 23.82 -7.31
CA GLY B 127 2.54 24.09 -8.55
C GLY B 127 2.53 22.86 -9.42
N VAL B 128 1.41 22.61 -10.09
CA VAL B 128 1.34 21.52 -11.08
C VAL B 128 0.84 22.14 -12.38
N THR B 129 1.66 22.06 -13.42
CA THR B 129 1.46 22.85 -14.63
C THR B 129 1.52 22.05 -15.92
N ARG B 130 0.63 22.43 -16.84
CA ARG B 130 0.59 21.96 -18.20
C ARG B 130 1.27 22.97 -19.15
N ARG B 131 1.74 24.11 -18.61
CA ARG B 131 2.50 25.09 -19.38
C ARG B 131 3.99 24.95 -19.09
N GLU B 132 4.79 25.76 -19.77
CA GLU B 132 6.21 25.77 -19.54
C GLU B 132 6.52 25.98 -18.03
N VAL B 133 7.40 25.16 -17.47
CA VAL B 133 7.64 25.08 -16.03
C VAL B 133 8.08 26.41 -15.38
N HIS B 134 8.84 27.25 -16.10
CA HIS B 134 9.23 28.58 -15.54
C HIS B 134 8.07 29.52 -15.39
N ILE B 135 7.04 29.39 -16.23
CA ILE B 135 5.90 30.32 -16.22
C ILE B 135 5.16 30.28 -14.88
N TYR B 136 4.82 29.07 -14.45
CA TYR B 136 4.04 28.93 -13.25
C TYR B 136 4.89 29.32 -12.06
N TYR B 137 6.21 29.06 -12.17
CA TYR B 137 7.13 29.39 -11.11
C TYR B 137 7.07 30.89 -10.92
N LEU B 138 7.07 31.62 -12.03
CA LEU B 138 7.13 33.09 -12.01
C LEU B 138 5.82 33.72 -11.53
N GLU B 139 4.69 33.20 -11.98
CA GLU B 139 3.38 33.63 -11.47
C GLU B 139 3.29 33.48 -9.94
N LYS B 140 3.74 32.34 -9.45
CA LYS B 140 3.79 32.10 -8.01
C LYS B 140 4.74 33.08 -7.35
N ALA B 141 5.98 33.16 -7.85
CA ALA B 141 6.99 34.05 -7.23
C ALA B 141 6.51 35.49 -7.25
N ASN B 142 5.91 35.92 -8.34
CA ASN B 142 5.42 37.28 -8.39
C ASN B 142 4.27 37.49 -7.39
N LYS B 143 3.32 36.57 -7.37
CA LYS B 143 2.21 36.64 -6.43
C LYS B 143 2.70 36.64 -4.97
N ILE B 144 3.76 35.90 -4.68
CA ILE B 144 4.30 35.78 -3.31
C ILE B 144 5.05 37.03 -2.84
N GLU B 147 8.67 36.47 -0.16
CA GLU B 147 9.65 35.39 -0.18
C GLU B 147 9.58 34.53 1.09
N LYS B 148 10.62 33.74 1.33
CA LYS B 148 10.65 32.72 2.38
C LYS B 148 9.79 31.51 2.02
N THR B 149 8.62 31.71 1.42
CA THR B 149 7.89 30.56 0.90
C THR B 149 8.63 29.96 -0.29
N HIS B 150 9.02 28.70 -0.12
CA HIS B 150 9.69 27.92 -1.17
C HIS B 150 8.71 27.48 -2.24
N ILE B 151 9.08 27.58 -3.51
CA ILE B 151 8.19 27.19 -4.60
C ILE B 151 8.75 25.94 -5.25
N HIS B 152 7.89 24.94 -5.47
CA HIS B 152 8.28 23.73 -6.20
C HIS B 152 7.20 23.44 -7.20
N ILE B 153 7.59 23.46 -8.48
CA ILE B 153 6.68 23.32 -9.59
C ILE B 153 6.98 22.01 -10.33
N PHE B 154 5.93 21.27 -10.66
CA PHE B 154 6.04 20.03 -11.43
C PHE B 154 5.21 20.23 -12.67
N SER B 155 5.73 19.78 -13.81
CA SER B 155 4.89 19.75 -15.00
C SER B 155 4.55 18.31 -15.36
N PHE B 156 3.53 18.17 -16.18
CA PHE B 156 3.17 16.88 -16.73
C PHE B 156 4.22 16.36 -17.72
N THR B 157 5.18 17.20 -18.12
CA THR B 157 6.25 16.75 -19.01
C THR B 157 7.41 16.12 -18.24
N GLY B 158 7.39 16.21 -16.91
CA GLY B 158 8.41 15.59 -16.10
C GLY B 158 9.44 16.58 -15.59
N GLU B 159 9.35 17.81 -16.05
CA GLU B 159 10.29 18.85 -15.66
C GLU B 159 9.88 19.37 -14.29
N GLU B 160 10.83 19.92 -13.55
CA GLU B 160 10.50 20.57 -12.30
C GLU B 160 11.39 21.79 -12.15
N MET B 161 10.90 22.73 -11.36
CA MET B 161 11.66 23.87 -11.00
C MET B 161 11.27 24.23 -9.58
N ALA B 162 12.28 24.57 -8.80
CA ALA B 162 12.12 24.88 -7.40
C ALA B 162 13.06 26.03 -7.03
N THR B 163 12.64 26.83 -6.06
CA THR B 163 13.45 27.91 -5.50
C THR B 163 14.89 27.46 -5.26
N LYS B 164 15.82 28.22 -5.83
CA LYS B 164 17.26 27.94 -5.72
C LYS B 164 17.64 26.54 -6.14
N ALA B 165 16.95 25.99 -7.14
CA ALA B 165 17.14 24.58 -7.54
C ALA B 165 17.26 23.64 -6.33
N ASP B 166 16.52 23.97 -5.26
CA ASP B 166 16.47 23.15 -4.06
C ASP B 166 15.11 22.43 -4.09
N TYR B 167 15.17 21.14 -4.42
CA TYR B 167 13.97 20.34 -4.72
C TYR B 167 13.42 19.64 -3.48
N THR B 168 14.04 19.92 -2.32
CA THR B 168 13.59 19.48 -1.01
C THR B 168 13.62 17.98 -0.83
N LEU B 169 12.95 17.28 -1.72
CA LEU B 169 12.77 15.86 -1.59
C LEU B 169 13.93 15.11 -2.27
N ASP B 170 14.06 13.83 -1.92
CA ASP B 170 14.93 12.89 -2.60
C ASP B 170 14.40 12.68 -4.02
N GLU B 171 15.26 12.17 -4.90
CA GLU B 171 14.92 11.96 -6.30
C GLU B 171 13.78 10.93 -6.50
N GLU B 172 13.73 9.90 -5.66
CA GLU B 172 12.70 8.86 -5.79
C GLU B 172 11.32 9.42 -5.44
N SER B 173 11.24 10.17 -4.35
CA SER B 173 9.98 10.80 -3.95
C SER B 173 9.45 11.65 -5.09
N ARG B 174 10.33 12.43 -5.72
CA ARG B 174 9.96 13.25 -6.87
C ARG B 174 9.57 12.45 -8.09
N ALA B 175 10.24 11.31 -8.28
CA ALA B 175 9.96 10.41 -9.39
C ALA B 175 8.58 9.79 -9.21
N ARG B 176 8.22 9.48 -7.97
CA ARG B 176 6.88 8.99 -7.67
C ARG B 176 5.82 9.96 -8.20
N ILE B 177 5.96 11.24 -7.85
CA ILE B 177 5.06 12.31 -8.31
C ILE B 177 5.07 12.45 -9.83
N LYS B 178 6.25 12.52 -10.42
CA LYS B 178 6.36 12.62 -11.88
C LYS B 178 5.71 11.41 -12.57
N THR B 179 5.85 10.23 -11.97
CA THR B 179 5.26 9.04 -12.54
C THR B 179 3.75 9.21 -12.48
N ARG B 180 3.24 9.75 -11.37
CA ARG B 180 1.80 9.99 -11.29
C ARG B 180 1.30 10.90 -12.39
N LEU B 181 2.03 11.99 -12.62
CA LEU B 181 1.63 13.00 -13.63
C LEU B 181 1.75 12.46 -15.07
N PHE B 182 2.78 11.67 -15.33
CA PHE B 182 2.95 11.00 -16.63
C PHE B 182 1.73 10.11 -16.89
N THR B 183 1.34 9.36 -15.87
CA THR B 183 0.22 8.42 -15.97
C THR B 183 -1.09 9.12 -16.21
N ILE B 184 -1.30 10.24 -15.52
CA ILE B 184 -2.51 11.01 -15.67
C ILE B 184 -2.61 11.60 -17.08
N ARG B 185 -1.49 12.11 -17.57
CA ARG B 185 -1.47 12.66 -18.92
C ARG B 185 -1.74 11.53 -19.97
N GLN B 186 -1.05 10.41 -19.86
CA GLN B 186 -1.28 9.33 -20.84
C GLN B 186 -2.77 8.91 -20.86
N GLU B 187 -3.35 8.72 -19.68
CA GLU B 187 -4.76 8.30 -19.56
C GLU B 187 -5.72 9.33 -20.10
N MET B 188 -5.39 10.61 -19.95
CA MET B 188 -6.25 11.67 -20.50
C MET B 188 -6.19 11.67 -22.03
N ALA B 189 -4.96 11.53 -22.54
CA ALA B 189 -4.71 11.38 -23.97
C ALA B 189 -5.49 10.20 -24.54
N SER B 190 -5.38 9.03 -23.89
CA SER B 190 -6.17 7.84 -24.25
C SER B 190 -7.67 8.05 -24.34
N ARG B 191 -8.20 9.07 -23.66
CA ARG B 191 -9.64 9.33 -23.67
C ARG B 191 -9.98 10.56 -24.46
N SER B 192 -8.96 11.14 -25.11
CA SER B 192 -9.16 12.33 -25.93
C SER B 192 -9.54 13.53 -25.06
N LEU B 193 -8.96 13.63 -23.86
CA LEU B 193 -9.26 14.72 -22.95
C LEU B 193 -8.06 15.61 -22.74
N TRP B 194 -6.89 15.17 -23.23
CA TRP B 194 -5.63 15.84 -22.92
C TRP B 194 -5.52 17.18 -23.58
N ASP B 195 -5.76 17.21 -24.90
CA ASP B 195 -5.70 18.48 -25.66
C ASP B 195 -6.44 19.62 -24.96
N SER B 196 -7.67 19.36 -24.54
CA SER B 196 -8.47 20.43 -23.92
C SER B 196 -7.99 20.77 -22.50
N PHE B 197 -7.63 19.75 -21.72
CA PHE B 197 -7.03 19.96 -20.41
C PHE B 197 -5.76 20.79 -20.55
N ARG B 198 -4.83 20.36 -21.41
CA ARG B 198 -3.58 21.09 -21.60
C ARG B 198 -3.80 22.56 -21.99
N GLN B 199 -4.88 22.84 -22.71
CA GLN B 199 -5.13 24.21 -23.19
C GLN B 199 -5.82 25.17 -22.21
N SER B 200 -6.39 24.64 -21.12
CA SER B 200 -7.24 25.46 -20.24
C SER B 200 -6.52 26.16 -19.08
N GLU B 201 -5.23 25.94 -18.91
CA GLU B 201 -4.53 26.55 -17.78
C GLU B 201 -4.35 28.07 -17.98
N ARG B 202 -4.73 28.86 -16.96
CA ARG B 202 -4.76 30.32 -17.03
C ARG B 202 -3.58 30.95 -16.29
N MET C 5 36.13 -11.87 -2.71
CA MET C 5 35.75 -12.62 -3.95
C MET C 5 35.63 -11.68 -5.15
N ALA C 6 36.24 -12.05 -6.29
CA ALA C 6 36.04 -11.32 -7.54
C ALA C 6 34.57 -11.45 -7.91
N MET C 7 33.99 -10.34 -8.38
CA MET C 7 32.61 -10.34 -8.84
C MET C 7 32.45 -11.36 -9.96
N GLU C 8 33.43 -11.47 -10.84
CA GLU C 8 33.35 -12.42 -11.96
C GLU C 8 33.15 -13.85 -11.46
N ASP C 9 33.87 -14.21 -10.39
CA ASP C 9 33.81 -15.56 -9.82
C ASP C 9 32.45 -15.79 -9.18
N PHE C 10 31.98 -14.79 -8.46
CA PHE C 10 30.66 -14.82 -7.89
C PHE C 10 29.58 -15.04 -8.96
N VAL C 11 29.67 -14.32 -10.06
CA VAL C 11 28.67 -14.39 -11.13
C VAL C 11 28.63 -15.82 -11.69
N ARG C 12 29.82 -16.34 -11.99
CA ARG C 12 29.97 -17.71 -12.52
C ARG C 12 29.56 -18.79 -11.53
N GLN C 13 29.62 -18.50 -10.24
CA GLN C 13 29.14 -19.46 -9.23
C GLN C 13 27.68 -19.28 -8.81
N CYS C 14 27.14 -18.07 -8.96
CA CYS C 14 25.77 -17.77 -8.50
C CYS C 14 24.70 -18.11 -9.56
N PHE C 15 25.08 -18.02 -10.82
CA PHE C 15 24.11 -18.16 -11.91
C PHE C 15 24.23 -19.49 -12.65
N ASN C 16 23.09 -19.99 -13.10
CA ASN C 16 23.03 -21.11 -14.05
C ASN C 16 24.02 -20.86 -15.20
N PRO C 17 24.85 -21.85 -15.54
CA PRO C 17 25.79 -21.68 -16.66
C PRO C 17 25.12 -21.28 -18.02
N MET C 18 23.88 -21.72 -18.25
CA MET C 18 23.15 -21.25 -19.43
C MET C 18 22.98 -19.73 -19.46
N ILE C 19 22.65 -19.15 -18.31
CA ILE C 19 22.52 -17.71 -18.18
C ILE C 19 23.89 -17.06 -18.41
N VAL C 20 24.92 -17.61 -17.78
CA VAL C 20 26.26 -17.03 -17.95
C VAL C 20 26.64 -16.99 -19.43
N GLU C 21 26.40 -18.09 -20.14
CA GLU C 21 26.80 -18.16 -21.55
C GLU C 21 26.06 -17.11 -22.37
N LEU C 22 24.77 -16.93 -22.09
CA LEU C 22 23.98 -15.92 -22.74
C LEU C 22 24.45 -14.50 -22.39
N ALA C 23 24.83 -14.27 -21.13
CA ALA C 23 25.32 -12.97 -20.68
C ALA C 23 26.63 -12.66 -21.41
N GLU C 24 27.53 -13.65 -21.48
CA GLU C 24 28.80 -13.49 -22.20
C GLU C 24 28.58 -13.04 -23.65
N LYS C 25 27.72 -13.76 -24.36
CA LYS C 25 27.40 -13.41 -25.75
C LYS C 25 26.72 -12.05 -25.85
N ALA C 26 25.89 -11.70 -24.85
CA ALA C 26 25.22 -10.39 -24.87
C ALA C 26 26.27 -9.30 -24.84
N MET C 27 27.18 -9.44 -23.89
CA MET C 27 28.24 -8.47 -23.70
C MET C 27 29.21 -8.40 -24.86
N LYS C 28 29.50 -9.55 -25.46
CA LYS C 28 30.32 -9.56 -26.67
C LYS C 28 29.58 -8.77 -27.75
N GLU C 29 28.27 -8.95 -27.83
CA GLU C 29 27.48 -8.23 -28.81
C GLU C 29 27.50 -6.73 -28.55
N TYR C 30 27.47 -6.33 -27.28
CA TYR C 30 27.54 -4.90 -26.92
C TYR C 30 28.96 -4.36 -26.96
N GLY C 31 29.93 -5.21 -27.30
CA GLY C 31 31.32 -4.80 -27.39
C GLY C 31 32.09 -4.78 -26.08
N GLU C 32 31.46 -5.23 -24.98
CA GLU C 32 32.07 -5.15 -23.64
C GLU C 32 32.64 -6.47 -23.14
N ASP C 33 33.63 -6.38 -22.25
CA ASP C 33 34.40 -7.50 -21.75
C ASP C 33 33.87 -7.86 -20.35
N PRO C 34 33.42 -9.12 -20.15
CA PRO C 34 32.90 -9.61 -18.87
C PRO C 34 33.88 -9.62 -17.70
N LYS C 35 35.16 -9.90 -17.99
CA LYS C 35 36.21 -9.96 -16.97
C LYS C 35 36.54 -8.57 -16.45
N ILE C 36 36.27 -7.55 -17.25
CA ILE C 36 36.52 -6.16 -16.86
C ILE C 36 35.27 -5.46 -16.30
N GLU C 37 34.18 -5.42 -17.06
CA GLU C 37 32.96 -4.77 -16.57
C GLU C 37 32.14 -5.79 -15.80
N THR C 38 32.59 -6.10 -14.58
CA THR C 38 32.06 -7.24 -13.84
C THR C 38 30.67 -6.98 -13.24
N ASN C 39 30.43 -5.74 -12.80
CA ASN C 39 29.13 -5.39 -12.27
C ASN C 39 28.08 -5.47 -13.35
N LYS C 40 28.44 -5.06 -14.57
CA LYS C 40 27.53 -5.14 -15.71
C LYS C 40 27.20 -6.61 -16.01
N PHE C 41 28.17 -7.49 -15.81
CA PHE C 41 28.06 -8.90 -16.06
C PHE C 41 27.01 -9.48 -15.10
N ALA C 42 27.16 -9.16 -13.81
CA ALA C 42 26.16 -9.49 -12.79
C ALA C 42 24.75 -9.00 -13.14
N ALA C 43 24.71 -7.77 -13.66
CA ALA C 43 23.47 -7.10 -13.96
C ALA C 43 22.83 -7.78 -15.15
N ILE C 44 23.64 -8.16 -16.13
CA ILE C 44 23.09 -8.75 -17.33
C ILE C 44 22.59 -10.17 -16.98
N CYS C 45 23.36 -10.91 -16.19
CA CYS C 45 22.95 -12.25 -15.73
C CYS C 45 21.65 -12.20 -14.93
N THR C 46 21.56 -11.23 -14.01
CA THR C 46 20.38 -11.07 -13.19
C THR C 46 19.16 -10.79 -14.05
N HIS C 47 19.32 -9.87 -14.99
CA HIS C 47 18.22 -9.48 -15.83
C HIS C 47 17.75 -10.63 -16.70
N LEU C 48 18.67 -11.34 -17.30
CA LEU C 48 18.29 -12.54 -18.06
C LEU C 48 17.54 -13.50 -17.16
N GLU C 49 18.07 -13.70 -15.95
CA GLU C 49 17.48 -14.68 -15.04
C GLU C 49 16.04 -14.32 -14.74
N VAL C 50 15.80 -13.05 -14.44
CA VAL C 50 14.44 -12.57 -14.22
C VAL C 50 13.58 -12.84 -15.44
N CYS C 51 14.09 -12.58 -16.65
CA CYS C 51 13.26 -12.73 -17.84
C CYS C 51 12.83 -14.19 -17.98
N PHE C 52 13.75 -15.13 -17.81
CA PHE C 52 13.44 -16.56 -17.86
C PHE C 52 12.60 -17.04 -16.67
N MET C 53 12.81 -16.44 -15.50
CA MET C 53 12.01 -16.77 -14.35
C MET C 53 10.57 -16.30 -14.58
N TYR C 54 10.42 -15.16 -15.26
CA TYR C 54 9.13 -14.58 -15.55
C TYR C 54 8.27 -15.58 -16.34
N SER C 55 8.93 -16.34 -17.20
CA SER C 55 8.30 -17.23 -18.18
C SER C 55 8.13 -18.66 -17.64
N ASP C 56 9.05 -19.09 -16.76
CA ASP C 56 8.96 -20.41 -16.10
C ASP C 56 7.56 -20.77 -15.61
N PHE C 57 7.12 -21.99 -15.91
CA PHE C 57 5.87 -22.56 -15.36
C PHE C 57 4.60 -21.96 -15.95
N HIS C 58 4.71 -20.90 -16.74
CA HIS C 58 3.55 -20.30 -17.37
C HIS C 58 3.38 -20.80 -18.77
N PHE C 59 2.23 -21.39 -19.01
CA PHE C 59 1.88 -21.92 -20.33
C PHE C 59 0.49 -21.42 -20.70
N ILE C 60 0.05 -21.72 -21.92
CA ILE C 60 -1.29 -21.39 -22.37
C ILE C 60 -1.97 -22.58 -23.06
N ASP C 61 -3.27 -22.72 -22.84
CA ASP C 61 -4.05 -23.79 -23.47
C ASP C 61 -4.48 -23.37 -24.87
N GLU C 62 -5.16 -24.27 -25.58
CA GLU C 62 -5.56 -24.04 -26.97
C GLU C 62 -6.55 -22.89 -27.09
N ARG C 63 -7.26 -22.58 -26.00
CA ARG C 63 -8.18 -21.47 -25.95
C ARG C 63 -7.49 -20.17 -25.48
N GLY C 64 -6.17 -20.19 -25.37
CA GLY C 64 -5.42 -19.01 -24.98
C GLY C 64 -5.60 -18.56 -23.55
N GLU C 65 -5.92 -19.47 -22.64
CA GLU C 65 -6.00 -19.14 -21.23
C GLU C 65 -4.77 -19.69 -20.49
N SER C 66 -4.40 -19.01 -19.40
CA SER C 66 -3.17 -19.28 -18.64
C SER C 66 -3.18 -20.64 -17.93
N ILE C 67 -2.03 -21.31 -17.93
CA ILE C 67 -1.82 -22.53 -17.14
C ILE C 67 -0.54 -22.42 -16.31
N ILE C 68 -0.63 -22.69 -15.01
CA ILE C 68 0.52 -22.67 -14.12
C ILE C 68 0.90 -24.09 -13.73
N VAL C 69 2.18 -24.42 -13.85
CA VAL C 69 2.66 -25.79 -13.73
C VAL C 69 3.89 -25.85 -12.81
N GLU C 70 3.67 -26.17 -11.54
CA GLU C 70 4.74 -26.14 -10.52
C GLU C 70 5.92 -27.09 -10.80
N SER C 71 5.64 -28.26 -11.35
CA SER C 71 6.67 -29.29 -11.58
C SER C 71 6.58 -29.83 -13.01
N ALA C 76 6.59 -30.92 -19.99
CA ALA C 76 5.38 -30.17 -20.29
C ALA C 76 4.82 -30.52 -21.69
N LEU C 77 5.41 -29.93 -22.72
CA LEU C 77 4.82 -29.86 -24.07
C LEU C 77 3.45 -29.18 -24.04
N LEU C 78 3.43 -28.03 -23.40
CA LEU C 78 2.35 -27.05 -23.53
C LEU C 78 2.96 -25.85 -24.25
N LYS C 79 2.11 -25.09 -24.95
CA LYS C 79 2.59 -23.88 -25.61
C LYS C 79 2.99 -22.86 -24.56
N HIS C 80 4.18 -22.30 -24.71
CA HIS C 80 4.71 -21.31 -23.77
C HIS C 80 3.88 -20.05 -23.76
N ARG C 81 3.63 -19.53 -22.58
CA ARG C 81 2.89 -18.29 -22.47
C ARG C 81 3.65 -17.10 -23.04
N PHE C 82 4.95 -17.06 -22.78
CA PHE C 82 5.77 -15.93 -23.18
C PHE C 82 6.80 -16.34 -24.22
N GLU C 83 7.02 -15.48 -25.20
CA GLU C 83 8.17 -15.57 -26.07
C GLU C 83 9.28 -14.77 -25.42
N ILE C 84 10.48 -15.35 -25.34
CA ILE C 84 11.58 -14.62 -24.73
C ILE C 84 12.46 -13.97 -25.81
N ILE C 85 12.45 -12.63 -25.84
CA ILE C 85 13.16 -11.86 -26.86
C ILE C 85 14.58 -11.58 -26.37
N GLU C 86 14.71 -11.25 -25.09
CA GLU C 86 16.01 -10.97 -24.52
C GLU C 86 16.86 -12.23 -24.63
N GLY C 87 18.14 -12.03 -24.87
CA GLY C 87 19.10 -13.12 -24.96
C GLY C 87 19.41 -13.47 -26.39
N ARG C 88 18.45 -13.23 -27.27
CA ARG C 88 18.69 -13.40 -28.68
C ARG C 88 19.52 -12.25 -29.18
N ASP C 89 20.28 -12.47 -30.24
CA ASP C 89 21.02 -11.35 -30.83
C ASP C 89 20.04 -10.46 -31.57
N ARG C 90 20.49 -9.24 -31.87
CA ARG C 90 19.56 -8.20 -32.35
C ARG C 90 18.79 -8.63 -33.59
N ILE C 91 19.47 -9.32 -34.49
CA ILE C 91 18.82 -9.70 -35.74
C ILE C 91 17.75 -10.74 -35.46
N MET C 92 18.10 -11.76 -34.69
CA MET C 92 17.17 -12.84 -34.36
C MET C 92 16.01 -12.29 -33.53
N ALA C 93 16.30 -11.33 -32.65
CA ALA C 93 15.30 -10.68 -31.81
C ALA C 93 14.24 -9.91 -32.61
N TRP C 94 14.67 -9.11 -33.56
CA TRP C 94 13.75 -8.41 -34.48
C TRP C 94 13.03 -9.33 -35.42
N THR C 95 13.66 -10.43 -35.80
CA THR C 95 13.01 -11.39 -36.68
C THR C 95 11.83 -12.01 -35.91
N VAL C 96 12.04 -12.27 -34.62
CA VAL C 96 10.99 -12.84 -33.77
C VAL C 96 9.90 -11.80 -33.50
N VAL C 97 10.30 -10.58 -33.19
CA VAL C 97 9.34 -9.51 -32.98
C VAL C 97 8.48 -9.31 -34.24
N ASN C 98 9.12 -9.21 -35.39
CA ASN C 98 8.39 -9.10 -36.65
C ASN C 98 7.42 -10.24 -36.88
N SER C 99 7.85 -11.47 -36.62
CA SER C 99 6.97 -12.60 -36.84
C SER C 99 5.73 -12.49 -35.95
N ILE C 100 5.91 -12.10 -34.68
CA ILE C 100 4.76 -11.95 -33.77
C ILE C 100 3.81 -10.88 -34.27
N CYS C 101 4.35 -9.72 -34.66
CA CYS C 101 3.54 -8.62 -35.15
C CYS C 101 2.74 -8.99 -36.40
N ASN C 102 3.40 -9.62 -37.37
CA ASN C 102 2.75 -10.12 -38.56
C ASN C 102 1.61 -11.06 -38.24
N THR C 103 1.85 -12.00 -37.34
CA THR C 103 0.87 -13.02 -37.02
C THR C 103 -0.28 -12.47 -36.16
N THR C 104 0.02 -11.79 -35.05
CA THR C 104 -1.01 -11.39 -34.09
C THR C 104 -1.57 -9.98 -34.31
N GLY C 105 -1.04 -9.25 -35.27
CA GLY C 105 -1.55 -7.91 -35.55
C GLY C 105 -1.09 -6.79 -34.63
N VAL C 106 -0.39 -7.12 -33.54
CA VAL C 106 0.05 -6.11 -32.58
C VAL C 106 1.09 -5.15 -33.17
N GLU C 107 1.10 -3.92 -32.66
CA GLU C 107 1.95 -2.87 -33.22
C GLU C 107 3.43 -3.13 -32.95
N LYS C 108 4.25 -2.97 -33.99
CA LYS C 108 5.69 -3.18 -33.91
C LYS C 108 6.25 -2.15 -32.93
N PRO C 109 7.00 -2.58 -31.89
CA PRO C 109 7.61 -1.56 -31.01
C PRO C 109 8.86 -0.97 -31.67
N LYS C 110 9.23 0.25 -31.27
CA LYS C 110 10.38 0.93 -31.84
C LYS C 110 11.69 0.48 -31.19
N PHE C 111 11.63 0.07 -29.91
CA PHE C 111 12.77 -0.51 -29.22
C PHE C 111 12.48 -1.99 -28.86
N LEU C 112 13.51 -2.82 -28.91
CA LEU C 112 13.44 -4.23 -28.53
C LEU C 112 12.91 -4.45 -27.12
N PRO C 113 11.79 -5.13 -26.98
CA PRO C 113 11.32 -5.47 -25.66
C PRO C 113 12.03 -6.72 -25.12
N ASP C 114 11.61 -7.23 -23.97
CA ASP C 114 12.22 -8.42 -23.41
C ASP C 114 11.44 -9.70 -23.64
N LEU C 115 10.12 -9.61 -23.54
CA LEU C 115 9.21 -10.76 -23.67
C LEU C 115 8.01 -10.40 -24.54
N TYR C 116 7.29 -11.40 -25.04
CA TYR C 116 5.95 -11.19 -25.58
C TYR C 116 4.98 -12.10 -24.86
N ASP C 117 3.89 -11.54 -24.36
CA ASP C 117 2.91 -12.29 -23.58
C ASP C 117 1.84 -12.73 -24.54
N TYR C 118 1.82 -14.03 -24.85
CA TYR C 118 0.84 -14.58 -25.81
C TYR C 118 -0.61 -14.58 -25.25
N LYS C 119 -0.77 -14.58 -23.92
CA LYS C 119 -2.10 -14.45 -23.30
C LYS C 119 -2.61 -13.02 -23.50
N GLU C 120 -1.87 -12.05 -22.96
CA GLU C 120 -2.30 -10.66 -23.02
C GLU C 120 -2.08 -10.00 -24.38
N ASN C 121 -1.44 -10.71 -25.29
CA ASN C 121 -0.98 -10.14 -26.57
C ASN C 121 -0.33 -8.78 -26.41
N ARG C 122 0.80 -8.73 -25.74
CA ARG C 122 1.52 -7.48 -25.63
C ARG C 122 2.99 -7.77 -25.33
N PHE C 123 3.87 -6.87 -25.76
CA PHE C 123 5.28 -6.96 -25.40
C PHE C 123 5.51 -6.44 -23.98
N ILE C 124 6.54 -6.96 -23.34
CA ILE C 124 6.92 -6.53 -21.99
C ILE C 124 8.39 -6.13 -21.94
N GLU C 125 8.64 -4.96 -21.34
CA GLU C 125 9.98 -4.52 -21.01
C GLU C 125 10.19 -4.84 -19.53
N ILE C 126 11.18 -5.68 -19.21
CA ILE C 126 11.47 -5.99 -17.83
C ILE C 126 12.58 -5.07 -17.39
N GLY C 127 12.51 -4.60 -16.14
CA GLY C 127 13.58 -3.83 -15.55
C GLY C 127 13.95 -4.43 -14.22
N VAL C 128 15.25 -4.44 -13.92
CA VAL C 128 15.76 -4.86 -12.63
C VAL C 128 16.71 -3.76 -12.16
N THR C 129 16.46 -3.18 -10.99
CA THR C 129 17.28 -2.04 -10.54
C THR C 129 17.85 -2.23 -9.16
N ARG C 130 19.07 -1.73 -8.98
CA ARG C 130 19.70 -1.60 -7.67
C ARG C 130 19.38 -0.25 -6.99
N ARG C 131 18.72 0.66 -7.72
CA ARG C 131 18.20 1.92 -7.15
C ARG C 131 16.77 1.71 -6.60
N GLU C 132 15.90 2.71 -6.76
CA GLU C 132 14.50 2.54 -6.41
C GLU C 132 13.65 2.54 -7.68
N VAL C 133 12.47 1.95 -7.55
CA VAL C 133 11.65 1.55 -8.67
C VAL C 133 11.14 2.71 -9.55
N HIS C 134 10.74 3.84 -8.93
CA HIS C 134 10.12 4.94 -9.69
C HIS C 134 11.10 5.66 -10.57
N ILE C 135 12.30 5.93 -10.07
CA ILE C 135 13.33 6.57 -10.90
C ILE C 135 13.57 5.74 -12.16
N TYR C 136 13.62 4.42 -11.99
CA TYR C 136 13.90 3.52 -13.11
C TYR C 136 12.65 3.34 -13.97
N TYR C 137 11.51 3.09 -13.33
CA TYR C 137 10.25 3.02 -14.06
C TYR C 137 10.09 4.25 -14.94
N LEU C 138 10.41 5.42 -14.37
CA LEU C 138 10.27 6.69 -15.07
C LEU C 138 11.21 6.78 -16.27
N GLU C 139 12.45 6.34 -16.13
CA GLU C 139 13.39 6.25 -17.27
C GLU C 139 12.87 5.37 -18.40
N LYS C 140 12.39 4.19 -18.04
CA LYS C 140 11.94 3.23 -19.05
C LYS C 140 10.74 3.79 -19.77
N ALA C 141 9.79 4.34 -19.01
CA ALA C 141 8.50 4.79 -19.56
C ALA C 141 8.70 5.97 -20.50
N ASN C 142 9.63 6.85 -20.16
CA ASN C 142 10.04 7.92 -21.06
C ASN C 142 10.79 7.38 -22.29
N LYS C 143 11.76 6.49 -22.05
CA LYS C 143 12.52 5.92 -23.16
C LYS C 143 11.62 5.24 -24.19
N ILE C 144 10.78 4.31 -23.74
CA ILE C 144 9.96 3.57 -24.69
C ILE C 144 9.05 4.52 -25.47
N LYS C 145 8.43 5.47 -24.77
CA LYS C 145 7.45 6.40 -25.38
C LYS C 145 6.44 5.66 -26.28
N SER C 146 6.61 4.34 -26.41
CA SER C 146 5.71 3.53 -27.19
C SER C 146 4.51 3.31 -26.32
N GLU C 147 3.34 3.70 -26.83
CA GLU C 147 2.12 3.11 -26.38
C GLU C 147 2.38 1.60 -26.47
N LYS C 148 1.58 0.81 -25.76
CA LYS C 148 1.54 -0.65 -25.94
C LYS C 148 2.59 -1.47 -25.16
N THR C 149 3.86 -1.10 -25.17
CA THR C 149 4.85 -1.94 -24.46
C THR C 149 4.69 -1.80 -22.95
N HIS C 150 4.35 -2.91 -22.32
CA HIS C 150 4.13 -2.99 -20.89
C HIS C 150 5.46 -3.01 -20.19
N ILE C 151 5.56 -2.23 -19.10
CA ILE C 151 6.77 -2.14 -18.31
C ILE C 151 6.54 -2.84 -16.98
N HIS C 152 7.52 -3.65 -16.56
CA HIS C 152 7.47 -4.32 -15.27
C HIS C 152 8.84 -4.22 -14.68
N ILE C 153 8.94 -3.62 -13.51
CA ILE C 153 10.22 -3.39 -12.85
C ILE C 153 10.30 -4.14 -11.54
N PHE C 154 11.48 -4.72 -11.26
CA PHE C 154 11.76 -5.32 -9.97
C PHE C 154 12.97 -4.63 -9.39
N SER C 155 12.99 -4.52 -8.07
CA SER C 155 14.14 -4.04 -7.37
C SER C 155 14.69 -5.19 -6.53
N PHE C 156 15.95 -5.05 -6.15
CA PHE C 156 16.56 -6.01 -5.27
C PHE C 156 15.98 -5.93 -3.86
N THR C 157 15.28 -4.84 -3.56
CA THR C 157 14.71 -4.62 -2.23
C THR C 157 13.24 -4.97 -2.12
N GLY C 158 12.72 -5.75 -3.08
CA GLY C 158 11.37 -6.31 -2.96
C GLY C 158 10.27 -5.47 -3.57
N GLU C 159 10.60 -4.28 -4.05
CA GLU C 159 9.64 -3.40 -4.69
C GLU C 159 9.46 -3.79 -6.15
N GLU C 160 8.22 -3.73 -6.61
CA GLU C 160 7.95 -3.84 -8.03
C GLU C 160 6.99 -2.74 -8.45
N MET C 161 7.03 -2.46 -9.74
CA MET C 161 6.18 -1.46 -10.34
C MET C 161 5.83 -1.95 -11.76
N ALA C 162 4.58 -1.75 -12.16
CA ALA C 162 4.09 -2.28 -13.42
C ALA C 162 3.08 -1.32 -14.02
N THR C 163 3.18 -1.14 -15.34
CA THR C 163 2.20 -0.40 -16.11
C THR C 163 0.80 -0.69 -15.61
N LYS C 164 0.07 0.38 -15.27
CA LYS C 164 -1.33 0.27 -14.89
C LYS C 164 -1.60 -0.73 -13.75
N ALA C 165 -0.68 -0.82 -12.80
CA ALA C 165 -0.76 -1.80 -11.69
C ALA C 165 -1.05 -3.22 -12.16
N ASP C 166 -0.74 -3.52 -13.41
CA ASP C 166 -1.02 -4.83 -13.98
C ASP C 166 0.30 -5.60 -13.96
N TYR C 167 0.41 -6.49 -12.98
CA TYR C 167 1.62 -7.22 -12.69
C TYR C 167 1.72 -8.50 -13.51
N THR C 168 0.71 -8.76 -14.36
CA THR C 168 0.69 -9.87 -15.33
C THR C 168 0.60 -11.23 -14.69
N LEU C 169 1.58 -11.54 -13.84
CA LEU C 169 1.70 -12.83 -13.17
C LEU C 169 0.99 -12.81 -11.81
N ASP C 170 0.55 -13.99 -11.37
CA ASP C 170 0.16 -14.25 -9.97
C ASP C 170 1.21 -13.79 -8.96
N GLU C 171 0.73 -13.32 -7.79
CA GLU C 171 1.59 -12.92 -6.68
C GLU C 171 2.66 -13.97 -6.35
N GLU C 172 2.27 -15.24 -6.46
CA GLU C 172 3.17 -16.34 -6.13
C GLU C 172 4.45 -16.26 -6.97
N SER C 173 4.27 -16.15 -8.28
CA SER C 173 5.40 -16.18 -9.21
C SER C 173 6.31 -14.97 -9.03
N ARG C 174 5.71 -13.84 -8.70
CA ARG C 174 6.48 -12.63 -8.46
C ARG C 174 7.26 -12.68 -7.14
N ALA C 175 6.71 -13.33 -6.12
CA ALA C 175 7.46 -13.56 -4.86
C ALA C 175 8.70 -14.43 -5.09
N ARG C 176 8.57 -15.42 -5.99
CA ARG C 176 9.65 -16.31 -6.36
C ARG C 176 10.80 -15.52 -7.04
N ILE C 177 10.43 -14.64 -7.96
CA ILE C 177 11.39 -13.69 -8.53
C ILE C 177 11.97 -12.78 -7.45
N LYS C 178 11.10 -12.22 -6.60
CA LYS C 178 11.58 -11.27 -5.60
C LYS C 178 12.52 -11.93 -4.59
N THR C 179 12.20 -13.18 -4.26
CA THR C 179 13.00 -13.99 -3.36
C THR C 179 14.34 -14.34 -4.00
N ARG C 180 14.34 -14.66 -5.29
CA ARG C 180 15.62 -14.83 -6.00
C ARG C 180 16.48 -13.58 -5.89
N LEU C 181 15.90 -12.42 -6.22
CA LEU C 181 16.62 -11.16 -6.12
C LEU C 181 17.10 -10.87 -4.70
N PHE C 182 16.26 -11.19 -3.70
CA PHE C 182 16.68 -11.10 -2.30
C PHE C 182 17.93 -11.95 -2.06
N THR C 183 17.89 -13.18 -2.55
CA THR C 183 18.96 -14.16 -2.33
C THR C 183 20.28 -13.69 -2.94
N ILE C 184 20.21 -13.15 -4.16
CA ILE C 184 21.37 -12.55 -4.83
C ILE C 184 21.93 -11.39 -4.01
N ARG C 185 21.07 -10.49 -3.56
CA ARG C 185 21.54 -9.34 -2.76
C ARG C 185 22.29 -9.79 -1.50
N GLN C 186 21.71 -10.73 -0.76
CA GLN C 186 22.37 -11.15 0.47
C GLN C 186 23.70 -11.87 0.16
N GLU C 187 23.75 -12.68 -0.90
CA GLU C 187 25.00 -13.37 -1.25
C GLU C 187 26.10 -12.38 -1.62
N MET C 188 25.79 -11.39 -2.45
CA MET C 188 26.75 -10.32 -2.74
C MET C 188 27.16 -9.57 -1.47
N ALA C 189 26.18 -9.32 -0.60
CA ALA C 189 26.42 -8.69 0.71
C ALA C 189 27.40 -9.49 1.56
N SER C 190 27.12 -10.78 1.78
CA SER C 190 28.05 -11.66 2.50
C SER C 190 29.49 -11.49 2.00
N ARG C 191 29.64 -11.37 0.67
CA ARG C 191 30.96 -11.40 0.00
C ARG C 191 31.56 -10.03 -0.30
N SER C 192 30.99 -8.98 0.29
CA SER C 192 31.49 -7.62 0.12
C SER C 192 31.46 -7.16 -1.34
N LEU C 193 30.44 -7.59 -2.08
CA LEU C 193 30.24 -7.17 -3.48
C LEU C 193 29.04 -6.27 -3.63
N TRP C 194 28.13 -6.28 -2.65
CA TRP C 194 26.85 -5.59 -2.81
C TRP C 194 26.97 -4.09 -3.04
N ASP C 195 27.67 -3.38 -2.15
CA ASP C 195 27.78 -1.92 -2.26
C ASP C 195 28.35 -1.46 -3.60
N SER C 196 29.46 -2.08 -4.01
CA SER C 196 30.08 -1.74 -5.29
C SER C 196 29.13 -2.01 -6.47
N PHE C 197 28.43 -3.15 -6.41
CA PHE C 197 27.43 -3.49 -7.43
C PHE C 197 26.32 -2.45 -7.42
N ARG C 198 25.82 -2.16 -6.22
CA ARG C 198 24.74 -1.21 -6.07
C ARG C 198 25.12 0.18 -6.57
N GLN C 199 26.37 0.59 -6.31
CA GLN C 199 26.80 1.95 -6.66
C GLN C 199 27.07 2.21 -8.15
N SER C 200 27.33 1.15 -8.92
CA SER C 200 27.27 1.22 -10.38
C SER C 200 25.81 1.19 -10.87
N GLU C 201 25.54 1.82 -12.01
CA GLU C 201 24.18 1.95 -12.61
C GLU C 201 23.79 3.43 -12.65
N ALA D 6 8.92 -34.17 3.02
CA ALA D 6 7.80 -34.27 4.00
C ALA D 6 7.97 -33.23 5.11
N MET D 7 6.85 -32.77 5.66
CA MET D 7 6.83 -31.58 6.51
C MET D 7 7.81 -31.61 7.70
N GLU D 8 7.88 -32.73 8.40
CA GLU D 8 8.78 -32.87 9.56
C GLU D 8 10.24 -32.74 9.14
N ASP D 9 10.60 -33.41 8.04
CA ASP D 9 11.94 -33.31 7.49
C ASP D 9 12.25 -31.89 7.07
N PHE D 10 11.29 -31.23 6.45
CA PHE D 10 11.48 -29.87 6.02
C PHE D 10 11.76 -28.93 7.20
N VAL D 11 11.00 -29.07 8.29
CA VAL D 11 11.21 -28.18 9.46
C VAL D 11 12.63 -28.35 9.97
N ARG D 12 13.04 -29.61 10.10
CA ARG D 12 14.36 -29.91 10.68
C ARG D 12 15.54 -29.39 9.84
N GLN D 13 15.32 -29.17 8.53
CA GLN D 13 16.35 -28.57 7.65
C GLN D 13 16.21 -27.07 7.48
N CYS D 14 15.01 -26.55 7.69
CA CYS D 14 14.74 -25.15 7.39
C CYS D 14 15.11 -24.28 8.58
N PHE D 15 14.83 -24.79 9.76
CA PHE D 15 15.06 -24.07 11.00
C PHE D 15 16.31 -24.52 11.75
N ASN D 16 16.95 -23.53 12.34
CA ASN D 16 18.03 -23.68 13.31
C ASN D 16 17.64 -24.77 14.32
N PRO D 17 18.53 -25.73 14.59
CA PRO D 17 18.17 -26.72 15.62
C PRO D 17 17.83 -26.14 17.00
N MET D 18 18.38 -24.98 17.38
CA MET D 18 17.93 -24.34 18.65
C MET D 18 16.41 -24.05 18.62
N ILE D 19 15.93 -23.52 17.49
CA ILE D 19 14.53 -23.24 17.34
C ILE D 19 13.78 -24.54 17.38
N VAL D 20 14.30 -25.54 16.70
CA VAL D 20 13.59 -26.81 16.62
C VAL D 20 13.46 -27.45 18.01
N GLU D 21 14.52 -27.39 18.82
CA GLU D 21 14.46 -27.94 20.18
C GLU D 21 13.43 -27.19 21.03
N LEU D 22 13.34 -25.88 20.86
CA LEU D 22 12.38 -25.13 21.66
C LEU D 22 10.96 -25.41 21.24
N ALA D 23 10.75 -25.64 19.94
CA ALA D 23 9.44 -25.96 19.39
C ALA D 23 8.99 -27.33 19.86
N GLU D 24 9.93 -28.28 19.92
CA GLU D 24 9.61 -29.62 20.39
C GLU D 24 9.09 -29.56 21.80
N LYS D 25 9.76 -28.79 22.64
CA LYS D 25 9.37 -28.66 24.02
C LYS D 25 8.03 -27.99 24.15
N ALA D 26 7.77 -26.97 23.32
CA ALA D 26 6.50 -26.24 23.40
C ALA D 26 5.36 -27.18 23.05
N MET D 27 5.53 -27.97 22.00
CA MET D 27 4.49 -28.89 21.57
C MET D 27 4.24 -29.95 22.61
N LYS D 28 5.31 -30.48 23.22
CA LYS D 28 5.14 -31.44 24.31
C LYS D 28 4.36 -30.79 25.44
N GLU D 29 4.74 -29.58 25.83
CA GLU D 29 3.96 -28.85 26.80
C GLU D 29 2.49 -28.72 26.38
N TYR D 30 2.21 -28.49 25.10
CA TYR D 30 0.80 -28.39 24.67
C TYR D 30 0.11 -29.73 24.51
N GLY D 31 0.82 -30.83 24.75
CA GLY D 31 0.28 -32.17 24.56
C GLY D 31 0.09 -32.54 23.10
N GLU D 32 1.01 -32.11 22.24
CA GLU D 32 0.96 -32.42 20.81
C GLU D 32 2.28 -33.01 20.34
N ASP D 33 2.19 -33.80 19.27
CA ASP D 33 3.33 -34.55 18.75
C ASP D 33 3.85 -33.90 17.50
N PRO D 34 5.12 -33.45 17.49
CA PRO D 34 5.71 -32.88 16.28
C PRO D 34 5.61 -33.78 15.02
N LYS D 35 5.46 -35.09 15.22
CA LYS D 35 5.42 -36.04 14.09
C LYS D 35 4.01 -36.23 13.52
N ILE D 36 3.00 -35.88 14.31
CA ILE D 36 1.60 -35.99 13.90
C ILE D 36 1.13 -34.61 13.43
N GLU D 37 1.28 -33.62 14.31
CA GLU D 37 0.86 -32.26 14.05
C GLU D 37 2.00 -31.46 13.42
N THR D 38 2.40 -31.90 12.24
CA THR D 38 3.60 -31.38 11.58
C THR D 38 3.45 -29.95 11.04
N ASN D 39 2.23 -29.56 10.70
CA ASN D 39 1.95 -28.18 10.30
C ASN D 39 2.07 -27.24 11.46
N LYS D 40 1.54 -27.64 12.60
CA LYS D 40 1.68 -26.86 13.81
C LYS D 40 3.17 -26.74 14.18
N PHE D 41 3.93 -27.82 13.93
CA PHE D 41 5.35 -27.88 14.21
C PHE D 41 6.02 -26.75 13.47
N ALA D 42 5.75 -26.67 12.17
CA ALA D 42 6.28 -25.61 11.31
C ALA D 42 5.83 -24.23 11.74
N ALA D 43 4.58 -24.13 12.21
CA ALA D 43 4.00 -22.85 12.62
C ALA D 43 4.67 -22.35 13.92
N ILE D 44 4.90 -23.26 14.84
CA ILE D 44 5.56 -22.90 16.12
C ILE D 44 7.00 -22.49 15.90
N CYS D 45 7.73 -23.26 15.11
CA CYS D 45 9.07 -22.89 14.67
C CYS D 45 9.11 -21.54 14.00
N THR D 46 8.16 -21.30 13.10
CA THR D 46 8.12 -20.02 12.38
C THR D 46 7.95 -18.88 13.34
N HIS D 47 7.00 -19.02 14.24
CA HIS D 47 6.70 -17.99 15.17
C HIS D 47 7.86 -17.72 16.11
N LEU D 48 8.55 -18.78 16.57
CA LEU D 48 9.68 -18.61 17.48
C LEU D 48 10.79 -17.87 16.77
N GLU D 49 11.01 -18.25 15.52
CA GLU D 49 12.07 -17.65 14.74
C GLU D 49 11.81 -16.15 14.55
N VAL D 50 10.55 -15.80 14.26
CA VAL D 50 10.20 -14.40 14.11
C VAL D 50 10.42 -13.67 15.43
N CYS D 51 10.00 -14.26 16.55
CA CYS D 51 10.20 -13.62 17.86
C CYS D 51 11.68 -13.31 18.18
N PHE D 52 12.55 -14.26 17.93
CA PHE D 52 13.99 -14.08 18.14
C PHE D 52 14.61 -13.10 17.15
N MET D 53 14.17 -13.12 15.91
CA MET D 53 14.62 -12.15 14.91
C MET D 53 14.22 -10.74 15.25
N TYR D 54 13.03 -10.59 15.80
CA TYR D 54 12.55 -9.30 16.22
C TYR D 54 13.51 -8.69 17.25
N SER D 55 13.97 -9.52 18.17
CA SER D 55 14.83 -9.06 19.26
C SER D 55 16.27 -8.90 18.80
N ASP D 56 16.68 -9.72 17.83
CA ASP D 56 18.03 -9.71 17.27
C ASP D 56 18.56 -8.33 16.91
N PHE D 57 19.81 -8.10 17.30
CA PHE D 57 20.54 -6.87 17.00
C PHE D 57 20.01 -5.63 17.71
N HIS D 58 19.06 -5.78 18.62
CA HIS D 58 18.49 -4.62 19.31
C HIS D 58 18.87 -4.54 20.75
N PHE D 59 19.42 -3.39 21.12
CA PHE D 59 19.95 -3.18 22.46
C PHE D 59 19.51 -1.84 22.98
N ILE D 60 19.71 -1.63 24.28
CA ILE D 60 19.36 -0.40 24.97
C ILE D 60 20.56 0.06 25.77
N ASP D 61 20.92 1.34 25.67
CA ASP D 61 22.02 1.89 26.44
C ASP D 61 21.50 2.44 27.76
N GLU D 62 22.40 2.98 28.58
CA GLU D 62 22.02 3.50 29.90
C GLU D 62 20.97 4.63 29.80
N ARG D 63 21.05 5.47 28.78
CA ARG D 63 20.05 6.52 28.53
C ARG D 63 18.65 5.98 28.17
N GLY D 64 18.54 4.69 27.86
CA GLY D 64 17.30 4.13 27.35
C GLY D 64 17.03 4.47 25.90
N GLU D 65 18.09 4.67 25.12
CA GLU D 65 17.97 4.85 23.66
C GLU D 65 18.26 3.51 23.00
N SER D 66 17.55 3.23 21.90
CA SER D 66 17.74 1.97 21.19
C SER D 66 19.00 2.06 20.36
N ILE D 67 19.74 0.96 20.29
CA ILE D 67 20.82 0.85 19.33
C ILE D 67 20.70 -0.47 18.56
N ILE D 68 21.14 -0.44 17.31
CA ILE D 68 21.11 -1.60 16.40
C ILE D 68 22.53 -2.05 16.06
N VAL D 69 22.91 -3.24 16.52
CA VAL D 69 24.25 -3.78 16.27
C VAL D 69 24.19 -5.24 15.81
N GLU D 70 24.81 -5.53 14.67
CA GLU D 70 24.98 -6.89 14.17
C GLU D 70 26.00 -7.68 15.02
N LYS D 79 23.25 -4.39 26.78
CA LYS D 79 21.99 -4.80 27.38
C LYS D 79 20.86 -4.95 26.33
N HIS D 80 20.24 -6.13 26.28
CA HIS D 80 19.24 -6.45 25.25
C HIS D 80 18.03 -5.59 25.44
N ARG D 81 17.49 -5.12 24.32
CA ARG D 81 16.30 -4.28 24.34
C ARG D 81 15.05 -5.06 24.72
N PHE D 82 14.95 -6.29 24.25
CA PHE D 82 13.75 -7.09 24.46
C PHE D 82 14.00 -8.25 25.41
N GLU D 83 13.02 -8.52 26.26
CA GLU D 83 12.96 -9.80 26.93
C GLU D 83 12.12 -10.72 26.04
N ILE D 84 12.62 -11.91 25.74
CA ILE D 84 11.88 -12.89 24.98
C ILE D 84 11.09 -13.79 25.96
N ILE D 85 9.77 -13.67 25.93
CA ILE D 85 8.89 -14.49 26.77
C ILE D 85 8.58 -15.81 26.09
N GLU D 86 8.30 -15.74 24.79
CA GLU D 86 8.09 -16.94 23.98
C GLU D 86 9.31 -17.86 24.05
N GLY D 87 9.07 -19.16 23.95
CA GLY D 87 10.12 -20.15 24.05
C GLY D 87 10.32 -20.71 25.45
N ARG D 88 10.23 -19.88 26.47
CA ARG D 88 10.16 -20.39 27.83
C ARG D 88 8.90 -21.22 28.01
N ASP D 89 8.95 -22.20 28.91
CA ASP D 89 7.71 -22.93 29.20
C ASP D 89 6.82 -21.93 29.93
N ARG D 90 5.52 -22.17 29.92
CA ARG D 90 4.59 -21.17 30.38
C ARG D 90 4.80 -20.79 31.84
N ILE D 91 5.18 -21.75 32.68
CA ILE D 91 5.41 -21.45 34.10
C ILE D 91 6.53 -20.42 34.24
N MET D 92 7.64 -20.68 33.59
CA MET D 92 8.80 -19.81 33.69
C MET D 92 8.49 -18.46 33.00
N ALA D 93 7.73 -18.48 31.90
CA ALA D 93 7.33 -17.25 31.19
C ALA D 93 6.52 -16.31 32.10
N TRP D 94 5.56 -16.88 32.86
CA TRP D 94 4.75 -16.10 33.80
C TRP D 94 5.57 -15.51 34.95
N THR D 95 6.56 -16.25 35.46
CA THR D 95 7.45 -15.73 36.51
C THR D 95 8.26 -14.54 35.98
N VAL D 96 8.70 -14.66 34.73
CA VAL D 96 9.42 -13.58 34.07
C VAL D 96 8.52 -12.37 33.85
N VAL D 97 7.31 -12.61 33.32
CA VAL D 97 6.31 -11.55 33.21
C VAL D 97 5.99 -10.85 34.56
N ASN D 98 5.78 -11.62 35.62
CA ASN D 98 5.46 -11.05 36.94
C ASN D 98 6.62 -10.20 37.44
N SER D 99 7.82 -10.66 37.16
CA SER D 99 9.04 -9.98 37.59
C SER D 99 9.17 -8.64 36.90
N ILE D 100 8.95 -8.62 35.58
CA ILE D 100 8.99 -7.39 34.82
C ILE D 100 7.95 -6.41 35.37
N CYS D 101 6.77 -6.91 35.70
CA CYS D 101 5.72 -6.04 36.19
C CYS D 101 6.08 -5.46 37.55
N ASN D 102 6.66 -6.27 38.42
CA ASN D 102 7.10 -5.81 39.73
C ASN D 102 8.12 -4.70 39.58
N THR D 103 9.18 -4.93 38.82
CA THR D 103 10.24 -3.95 38.64
C THR D 103 9.72 -2.68 37.98
N THR D 104 9.04 -2.84 36.85
CA THR D 104 8.66 -1.72 35.99
C THR D 104 7.37 -0.99 36.36
N GLY D 105 6.48 -1.63 37.11
CA GLY D 105 5.19 -1.02 37.38
C GLY D 105 4.15 -1.17 36.27
N VAL D 106 4.54 -1.67 35.09
CA VAL D 106 3.59 -1.89 33.97
C VAL D 106 2.50 -2.89 34.36
N GLU D 107 1.34 -2.83 33.72
CA GLU D 107 0.22 -3.70 34.09
C GLU D 107 0.41 -5.14 33.63
N LYS D 108 0.07 -6.10 34.50
CA LYS D 108 0.26 -7.51 34.20
C LYS D 108 -0.74 -7.95 33.13
N PRO D 109 -0.25 -8.45 31.99
CA PRO D 109 -1.19 -8.86 30.94
C PRO D 109 -2.00 -10.06 31.40
N LYS D 110 -3.22 -10.17 30.89
CA LYS D 110 -4.10 -11.28 31.20
C LYS D 110 -3.68 -12.49 30.42
N PHE D 111 -3.02 -12.27 29.28
CA PHE D 111 -2.59 -13.37 28.45
C PHE D 111 -1.12 -13.26 28.17
N LEU D 112 -0.49 -14.42 28.12
CA LEU D 112 0.94 -14.48 27.97
C LEU D 112 1.39 -13.87 26.63
N PRO D 113 2.19 -12.79 26.68
CA PRO D 113 2.71 -12.16 25.47
C PRO D 113 3.98 -12.85 24.92
N ASP D 114 4.57 -12.29 23.86
CA ASP D 114 5.75 -12.87 23.26
C ASP D 114 7.06 -12.18 23.66
N LEU D 115 7.00 -10.88 23.86
CA LEU D 115 8.17 -10.10 24.26
C LEU D 115 7.80 -9.03 25.23
N TYR D 116 8.82 -8.50 25.90
CA TYR D 116 8.71 -7.24 26.61
C TYR D 116 9.76 -6.27 26.08
N ASP D 117 9.32 -5.07 25.74
CA ASP D 117 10.18 -4.03 25.16
C ASP D 117 10.59 -3.11 26.29
N TYR D 118 11.86 -3.20 26.71
CA TYR D 118 12.36 -2.35 27.81
C TYR D 118 12.51 -0.86 27.44
N LYS D 119 12.56 -0.56 26.14
CA LYS D 119 12.56 0.85 25.69
C LYS D 119 11.17 1.50 25.77
N GLU D 120 10.17 0.87 25.14
CA GLU D 120 8.79 1.39 25.21
C GLU D 120 8.09 0.99 26.50
N ASN D 121 8.69 0.09 27.30
CA ASN D 121 8.01 -0.48 28.45
C ASN D 121 6.62 -1.01 28.13
N ARG D 122 6.53 -1.89 27.14
CA ARG D 122 5.30 -2.62 26.89
C ARG D 122 5.54 -4.05 26.46
N PHE D 123 4.57 -4.90 26.74
CA PHE D 123 4.60 -6.25 26.24
C PHE D 123 4.15 -6.23 24.80
N ILE D 124 4.59 -7.23 24.04
CA ILE D 124 4.26 -7.36 22.63
C ILE D 124 3.76 -8.77 22.34
N GLU D 125 2.63 -8.84 21.64
CA GLU D 125 2.20 -10.08 21.02
C GLU D 125 2.63 -10.09 19.57
N ILE D 126 3.35 -11.14 19.17
CA ILE D 126 3.74 -11.35 17.79
C ILE D 126 2.80 -12.37 17.18
N GLY D 127 2.24 -12.02 16.02
CA GLY D 127 1.42 -12.94 15.24
C GLY D 127 2.08 -13.20 13.91
N VAL D 128 2.08 -14.46 13.48
CA VAL D 128 2.53 -14.83 12.14
C VAL D 128 1.34 -15.54 11.52
N THR D 129 0.84 -15.03 10.39
CA THR D 129 -0.42 -15.58 9.82
C THR D 129 -0.25 -16.06 8.39
N ARG D 130 -0.96 -17.15 8.09
CA ARG D 130 -1.03 -17.71 6.75
C ARG D 130 -2.27 -17.20 6.03
N ARG D 131 -3.12 -16.46 6.76
CA ARG D 131 -4.27 -15.79 6.18
C ARG D 131 -3.85 -14.35 5.87
N GLU D 132 -4.60 -13.36 6.35
CA GLU D 132 -4.27 -11.97 6.06
C GLU D 132 -4.28 -11.18 7.35
N VAL D 133 -3.52 -10.09 7.38
CA VAL D 133 -3.12 -9.50 8.66
C VAL D 133 -4.22 -8.86 9.53
N HIS D 134 -5.22 -8.20 8.92
CA HIS D 134 -6.32 -7.66 9.70
C HIS D 134 -7.16 -8.74 10.32
N ILE D 135 -7.51 -9.77 9.56
CA ILE D 135 -8.26 -10.90 10.14
C ILE D 135 -7.55 -11.35 11.41
N TYR D 136 -6.26 -11.65 11.29
CA TYR D 136 -5.48 -12.13 12.46
C TYR D 136 -5.32 -11.07 13.55
N TYR D 137 -5.02 -9.83 13.17
CA TYR D 137 -4.91 -8.75 14.16
C TYR D 137 -6.15 -8.68 15.05
N LEU D 138 -7.32 -8.74 14.40
CA LEU D 138 -8.62 -8.57 15.05
C LEU D 138 -8.90 -9.73 16.01
N GLU D 139 -8.55 -10.95 15.63
CA GLU D 139 -8.66 -12.11 16.55
C GLU D 139 -7.79 -11.92 17.79
N LYS D 140 -6.56 -11.48 17.59
CA LYS D 140 -5.62 -11.23 18.69
C LYS D 140 -6.14 -10.14 19.60
N ALA D 141 -6.61 -9.05 19.00
CA ALA D 141 -7.08 -7.91 19.76
C ALA D 141 -8.30 -8.29 20.57
N ASN D 142 -9.16 -9.10 19.96
CA ASN D 142 -10.33 -9.60 20.62
C ASN D 142 -10.00 -10.62 21.71
N LYS D 143 -9.00 -11.48 21.48
CA LYS D 143 -8.57 -12.46 22.51
C LYS D 143 -7.98 -11.74 23.74
N ILE D 144 -7.08 -10.79 23.48
CA ILE D 144 -6.43 -10.08 24.57
C ILE D 144 -7.05 -8.68 24.65
N LYS D 145 -8.02 -8.53 25.52
CA LYS D 145 -8.84 -7.32 25.53
C LYS D 145 -8.19 -6.22 26.36
N SER D 146 -6.87 -6.09 26.28
CA SER D 146 -6.15 -5.00 26.93
C SER D 146 -5.71 -3.98 25.88
N GLU D 147 -5.73 -2.71 26.24
CA GLU D 147 -5.16 -1.67 25.39
C GLU D 147 -3.65 -1.54 25.65
N LYS D 148 -3.10 -2.41 26.51
CA LYS D 148 -1.71 -2.29 26.95
C LYS D 148 -0.74 -3.20 26.18
N THR D 149 -1.15 -4.41 25.84
CA THR D 149 -0.27 -5.25 25.05
C THR D 149 -0.28 -4.79 23.59
N HIS D 150 0.90 -4.58 23.04
CA HIS D 150 1.05 -4.13 21.66
C HIS D 150 1.00 -5.33 20.76
N ILE D 151 0.38 -5.21 19.58
CA ILE D 151 0.24 -6.36 18.66
C ILE D 151 0.92 -6.07 17.33
N HIS D 152 1.75 -7.00 16.89
CA HIS D 152 2.45 -6.88 15.62
C HIS D 152 2.31 -8.14 14.82
N ILE D 153 1.69 -8.03 13.64
CA ILE D 153 1.32 -9.18 12.81
C ILE D 153 2.20 -9.19 11.56
N PHE D 154 2.70 -10.37 11.22
CA PHE D 154 3.42 -10.58 9.96
C PHE D 154 2.69 -11.64 9.18
N SER D 155 2.68 -11.52 7.85
CA SER D 155 2.12 -12.55 6.97
C SER D 155 3.23 -13.12 6.11
N PHE D 156 2.96 -14.24 5.43
CA PHE D 156 3.94 -14.86 4.53
C PHE D 156 3.91 -14.24 3.13
N THR D 157 3.04 -13.24 2.93
CA THR D 157 2.98 -12.48 1.70
C THR D 157 3.64 -11.12 1.89
N GLY D 158 4.31 -10.94 3.03
CA GLY D 158 5.08 -9.73 3.25
C GLY D 158 4.29 -8.60 3.88
N GLU D 159 3.04 -8.85 4.27
CA GLU D 159 2.23 -7.82 4.87
C GLU D 159 2.50 -7.73 6.38
N GLU D 160 2.29 -6.54 6.91
CA GLU D 160 2.64 -6.25 8.26
C GLU D 160 1.54 -5.37 8.83
N MET D 161 1.19 -5.58 10.09
CA MET D 161 0.26 -4.71 10.77
C MET D 161 0.58 -4.65 12.25
N ALA D 162 0.51 -3.45 12.83
CA ALA D 162 0.83 -3.22 14.23
C ALA D 162 -0.12 -2.22 14.90
N THR D 163 -0.41 -2.44 16.18
CA THR D 163 -1.15 -1.52 17.02
C THR D 163 -0.76 -0.05 16.77
N LYS D 164 -1.73 0.76 16.30
CA LYS D 164 -1.55 2.19 16.04
C LYS D 164 -0.47 2.47 14.98
N ALA D 165 -0.34 1.57 14.00
CA ALA D 165 0.72 1.65 12.97
C ALA D 165 2.11 1.99 13.53
N ASP D 166 2.34 1.60 14.79
CA ASP D 166 3.62 1.78 15.46
C ASP D 166 4.32 0.42 15.34
N TYR D 167 5.28 0.37 14.43
CA TYR D 167 5.89 -0.88 14.03
C TYR D 167 7.15 -1.21 14.86
N THR D 168 7.42 -0.39 15.88
CA THR D 168 8.47 -0.62 16.87
C THR D 168 9.88 -0.65 16.27
N LEU D 169 10.16 -1.63 15.41
CA LEU D 169 11.47 -1.76 14.79
C LEU D 169 11.61 -0.78 13.61
N ASP D 170 12.87 -0.41 13.33
CA ASP D 170 13.25 0.17 12.03
C ASP D 170 12.82 -0.74 10.89
N GLU D 171 12.75 -0.20 9.68
CA GLU D 171 12.18 -0.90 8.52
C GLU D 171 13.06 -2.03 8.00
N GLU D 172 14.37 -1.89 8.14
CA GLU D 172 15.29 -2.93 7.72
C GLU D 172 15.13 -4.18 8.59
N SER D 173 15.01 -3.99 9.90
CA SER D 173 14.79 -5.08 10.83
C SER D 173 13.56 -5.86 10.41
N ARG D 174 12.52 -5.14 10.05
CA ARG D 174 11.26 -5.74 9.63
C ARG D 174 11.38 -6.40 8.27
N ALA D 175 12.10 -5.76 7.37
CA ALA D 175 12.32 -6.30 6.03
C ALA D 175 12.94 -7.68 6.14
N ARG D 176 13.94 -7.77 7.01
CA ARG D 176 14.64 -9.03 7.26
C ARG D 176 13.65 -10.14 7.70
N ILE D 177 12.76 -9.83 8.65
CA ILE D 177 11.70 -10.75 9.06
C ILE D 177 10.82 -11.13 7.86
N LYS D 178 10.36 -10.12 7.12
CA LYS D 178 9.49 -10.33 5.96
C LYS D 178 10.05 -11.27 4.89
N THR D 179 11.35 -11.19 4.64
CA THR D 179 12.00 -11.98 3.59
C THR D 179 12.16 -13.45 3.96
N ARG D 180 12.41 -13.69 5.24
CA ARG D 180 12.47 -15.03 5.78
C ARG D 180 11.13 -15.72 5.60
N LEU D 181 10.05 -15.05 5.95
CA LEU D 181 8.73 -15.63 5.75
C LEU D 181 8.52 -15.98 4.26
N PHE D 182 8.93 -15.10 3.34
CA PHE D 182 8.87 -15.39 1.89
C PHE D 182 9.64 -16.65 1.52
N THR D 183 10.95 -16.63 1.77
CA THR D 183 11.82 -17.79 1.59
C THR D 183 11.18 -19.06 2.12
N ILE D 184 10.66 -18.98 3.34
CA ILE D 184 10.08 -20.16 4.00
C ILE D 184 8.90 -20.66 3.19
N ARG D 185 8.05 -19.74 2.78
CA ARG D 185 6.98 -20.04 1.85
C ARG D 185 7.51 -20.58 0.52
N GLN D 186 8.46 -19.85 -0.07
CA GLN D 186 9.09 -20.20 -1.36
C GLN D 186 9.64 -21.61 -1.31
N GLU D 187 10.22 -21.98 -0.16
CA GLU D 187 10.80 -23.31 0.02
C GLU D 187 9.72 -24.39 0.22
N MET D 188 8.62 -24.07 0.90
CA MET D 188 7.51 -25.04 1.05
C MET D 188 6.69 -25.24 -0.23
N ALA D 189 6.51 -24.16 -1.00
CA ALA D 189 5.73 -24.20 -2.23
C ALA D 189 6.15 -25.38 -3.11
N SER D 190 7.43 -25.40 -3.48
CA SER D 190 8.00 -26.44 -4.33
C SER D 190 7.77 -27.89 -3.87
N ARG D 191 7.66 -28.10 -2.56
CA ARG D 191 7.51 -29.45 -2.02
C ARG D 191 6.04 -29.81 -1.80
N SER D 192 5.16 -28.92 -2.26
CA SER D 192 3.72 -29.12 -2.22
C SER D 192 3.19 -29.23 -0.79
N LEU D 193 3.90 -28.55 0.11
CA LEU D 193 3.57 -28.57 1.54
C LEU D 193 2.72 -27.34 1.92
N TRP D 194 2.98 -26.22 1.27
CA TRP D 194 2.27 -24.95 1.54
C TRP D 194 0.77 -25.07 1.67
N ASP D 195 0.10 -25.58 0.64
CA ASP D 195 -1.36 -25.64 0.61
C ASP D 195 -1.96 -26.26 1.87
N SER D 196 -1.41 -27.40 2.28
CA SER D 196 -1.84 -28.07 3.50
C SER D 196 -1.49 -27.23 4.76
N PHE D 197 -0.33 -26.57 4.71
CA PHE D 197 0.14 -25.73 5.81
C PHE D 197 -0.70 -24.45 5.92
N ARG D 198 -0.80 -23.72 4.81
CA ARG D 198 -1.69 -22.54 4.73
C ARG D 198 -3.06 -22.81 5.32
N GLN D 199 -3.71 -23.87 4.84
CA GLN D 199 -5.08 -24.16 5.22
C GLN D 199 -5.24 -24.71 6.64
N SER D 200 -4.16 -25.26 7.21
CA SER D 200 -4.18 -25.74 8.59
C SER D 200 -4.44 -24.65 9.66
N GLU D 201 -4.22 -23.38 9.34
CA GLU D 201 -4.43 -22.32 10.35
C GLU D 201 -5.90 -22.19 10.81
N ARG D 202 -6.10 -22.21 12.13
CA ARG D 202 -7.41 -21.94 12.71
C ARG D 202 -7.36 -20.66 13.56
MN MN E . -25.34 4.94 5.84
MN MN F . -25.57 8.13 3.75
N1 U5P G . -27.29 11.69 9.39
C2 U5P G . -27.82 12.79 10.03
N3 U5P G . -28.77 13.48 9.31
C4 U5P G . -29.22 13.19 8.04
C5 U5P G . -28.63 12.03 7.45
C6 U5P G . -27.70 11.34 8.12
O2 U5P G . -27.48 13.14 11.15
O4 U5P G . -30.07 13.91 7.52
C1' U5P G . -26.26 10.90 10.09
C2' U5P G . -26.80 9.56 10.61
O2' U5P G . -27.40 9.67 11.87
C3' U5P G . -25.52 8.72 10.64
C4' U5P G . -24.76 9.23 9.41
O3' U5P G . -24.74 8.93 11.80
O4' U5P G . -25.26 10.57 9.15
C5' U5P G . -24.85 8.37 8.17
O5' U5P G . -26.21 8.24 7.72
P U5P G . -26.71 6.98 6.88
O1P U5P G . -25.95 7.10 5.59
O2P U5P G . -28.13 7.38 6.74
O3P U5P G . -26.40 5.67 7.47
MN MN H . -0.16 25.09 -4.96
MN MN I . -2.76 25.83 -2.28
N1 U5P J . -7.47 27.30 -7.02
C2 U5P J . -8.73 27.77 -7.38
N3 U5P J . -9.16 28.85 -6.66
C4 U5P J . -8.47 29.52 -5.67
C5 U5P J . -7.19 28.97 -5.35
C6 U5P J . -6.74 27.90 -6.01
O2 U5P J . -9.41 27.25 -8.25
O4 U5P J . -8.99 30.49 -5.11
C1' U5P J . -6.93 26.14 -7.74
C2' U5P J . -5.69 26.47 -8.57
O2' U5P J . -6.03 27.04 -9.82
C3' U5P J . -5.03 25.10 -8.64
C4' U5P J . -5.32 24.52 -7.25
O3' U5P J . -5.62 24.29 -9.66
O4' U5P J . -6.53 25.17 -6.81
C5' U5P J . -4.25 24.74 -6.24
O5' U5P J . -3.92 26.13 -6.16
P U5P J . -2.47 26.61 -5.71
O1P U5P J . -2.18 25.94 -4.41
O2P U5P J . -2.66 28.08 -5.63
O3P U5P J . -1.42 26.02 -6.62
MN MN K . 14.72 -5.18 -19.82
MN MN L . 16.15 -6.18 -23.20
N1 U5P M . 22.17 -3.62 -21.86
C2 U5P M . 23.40 -3.19 -22.33
N3 U5P M . 23.42 -2.73 -23.62
C4 U5P M . 22.35 -2.65 -24.48
C5 U5P M . 21.11 -3.10 -23.94
C6 U5P M . 21.06 -3.56 -22.69
O2 U5P M . 24.42 -3.24 -21.63
O4 U5P M . 22.52 -2.19 -25.62
C1' U5P M . 22.07 -4.16 -20.50
C2' U5P M . 21.36 -3.22 -19.52
O2' U5P M . 22.29 -2.37 -18.89
C3' U5P M . 20.75 -4.22 -18.54
C4' U5P M . 20.42 -5.42 -19.42
O3' U5P M . 21.68 -4.56 -17.51
O4' U5P M . 21.32 -5.35 -20.55
C5' U5P M . 18.99 -5.50 -19.92
O5' U5P M . 18.62 -4.30 -20.64
P U5P M . 17.11 -3.80 -20.70
O1P U5P M . 16.35 -4.87 -21.42
O2P U5P M . 17.05 -2.62 -21.62
O3P U5P M . 16.59 -3.68 -19.29
MN MN N . 2.48 -14.75 19.31
MN MN O . 3.18 -16.56 22.53
N1 U5P P . 0.17 -22.24 20.50
C2 U5P P . -0.31 -23.52 20.72
N3 U5P P . -0.91 -23.72 21.94
C4 U5P P . -1.07 -22.79 22.95
C5 U5P P . -0.54 -21.50 22.65
C6 U5P P . 0.04 -21.27 21.47
O2 U5P P . -0.23 -24.41 19.89
O4 U5P P . -1.63 -23.13 23.99
C1' U5P P . 0.80 -21.94 19.21
C2' U5P P . -0.02 -20.97 18.35
O2' U5P P . -1.07 -21.60 17.67
C3' U5P P . 1.07 -20.42 17.44
C4' U5P P . 2.27 -20.31 18.37
O3' U5P P . 1.33 -21.27 16.34
O4' U5P P . 2.04 -21.30 19.42
C5' U5P P . 2.44 -18.95 19.00
O5' U5P P . 1.18 -18.52 19.55
P U5P P . 0.87 -17.00 19.90
O1P U5P P . 2.00 -16.56 20.75
O2P U5P P . -0.35 -17.04 20.76
O3P U5P P . 0.86 -16.20 18.62
#